data_1A3X
#
_entry.id   1A3X
#
_cell.length_a   108.300
_cell.length_b   106.400
_cell.length_c   105.500
_cell.angle_alpha   90.00
_cell.angle_beta   110.80
_cell.angle_gamma   90.00
#
_symmetry.space_group_name_H-M   'C 1 2 1'
#
loop_
_entity.id
_entity.type
_entity.pdbx_description
1 polymer 'PYRUVATE KINASE'
2 non-polymer '2-PHOSPHOGLYCOLIC ACID'
3 non-polymer 'MANGANESE (II) ION'
4 non-polymer 'POTASSIUM ION'
#
_entity_poly.entity_id   1
_entity_poly.type   'polypeptide(L)'
_entity_poly.pdbx_seq_one_letter_code
;MSRLERLTSLNVVAGSDLRRTSIIGTIGPKTNNPETLVALRKAGLNIVRMNFSHGSYEYHKSVIDNARKSEELYPGRPLA
IALDTKGPEIRTGTTTNDVDYPIPPNHEMIFTTDDKYAKACDDKIMYVDYKNITKVISAGRIIYVDDGVLSFQVLEVVDD
KTLKVKALNAGKICSHKGVNLPGTDVDLPALSEKDKEDLRFGVKNGVHMVFASFIRTANDVLTIREVLGEQGKDVKIIVK
IENQQGVNNFDEILKVTDGVMVARGDLGIEIPAPEVLAVQKKLIAKSNLAGKPVICATQMLESMTYNPRPTRAEVSDVGN
AILDGADCVMLSGETAKGNYPINAVTTMAETAVIAEQAIAYLPNYDDMRNCTPKPTSTTETVAASAVAAVFEQKAKAIIV
LSTSGTTPRLVSKYRPNCPIILVTRCPRAARFSHLYRGVFPFVFEKEPVSDWTDDVEARINFGIEKAKEFGILKKGDTYV
SIQGFKAGAGHSNTLQVSTV
;
_entity_poly.pdbx_strand_id   A,B
#
# COMPACT_ATOMS: atom_id res chain seq x y z
N MET A 1 -51.23 10.46 22.64
CA MET A 1 -52.43 9.61 22.39
C MET A 1 -53.42 10.33 21.45
N SER A 2 -53.40 11.66 21.52
CA SER A 2 -54.29 12.48 20.70
C SER A 2 -54.05 12.20 19.22
N ARG A 3 -54.54 11.06 18.74
CA ARG A 3 -54.41 10.67 17.34
C ARG A 3 -55.08 11.75 16.51
N LEU A 4 -56.23 12.20 16.98
CA LEU A 4 -56.99 13.24 16.30
C LEU A 4 -56.22 14.56 16.30
N GLU A 5 -55.56 14.86 17.41
CA GLU A 5 -54.81 16.10 17.47
C GLU A 5 -53.47 15.90 16.77
N ARG A 6 -53.10 14.65 16.54
CA ARG A 6 -51.86 14.36 15.82
C ARG A 6 -52.23 14.53 14.36
N LEU A 7 -53.42 14.04 14.02
CA LEU A 7 -53.95 14.14 12.66
C LEU A 7 -54.29 15.57 12.29
N THR A 8 -55.09 16.22 13.11
CA THR A 8 -55.46 17.61 12.84
C THR A 8 -54.26 18.56 12.77
N SER A 9 -53.08 18.09 13.19
CA SER A 9 -51.89 18.94 13.20
C SER A 9 -50.85 18.56 12.18
N LEU A 10 -51.12 17.49 11.43
CA LEU A 10 -50.19 16.97 10.42
C LEU A 10 -49.21 17.95 9.79
N ASN A 11 -49.52 19.24 9.80
CA ASN A 11 -48.64 20.27 9.21
C ASN A 11 -47.73 19.71 8.14
N VAL A 12 -48.31 19.51 6.97
CA VAL A 12 -47.67 18.98 5.78
C VAL A 12 -46.45 19.77 5.30
N VAL A 13 -46.03 19.48 4.08
CA VAL A 13 -44.88 20.13 3.46
C VAL A 13 -43.61 19.49 3.94
N ALA A 14 -42.93 18.80 3.02
CA ALA A 14 -41.67 18.12 3.31
C ALA A 14 -40.68 19.14 3.87
N GLY A 15 -40.23 18.89 5.10
CA GLY A 15 -39.31 19.79 5.77
C GLY A 15 -37.85 19.42 5.68
N SER A 16 -37.13 19.73 6.75
CA SER A 16 -35.68 19.49 6.85
C SER A 16 -35.21 18.05 7.06
N ASP A 17 -36.00 17.24 7.74
CA ASP A 17 -35.62 15.86 8.01
C ASP A 17 -35.31 15.01 6.77
N LEU A 18 -34.22 14.26 6.84
CA LEU A 18 -33.75 13.38 5.76
C LEU A 18 -34.59 12.12 5.69
N ARG A 19 -34.87 11.64 4.49
CA ARG A 19 -35.68 10.44 4.35
C ARG A 19 -35.03 9.30 5.10
N ARG A 20 -35.85 8.54 5.81
CA ARG A 20 -35.37 7.42 6.62
C ARG A 20 -35.65 6.04 6.02
N THR A 21 -36.60 5.96 5.09
CA THR A 21 -36.95 4.68 4.46
C THR A 21 -36.21 4.47 3.14
N SER A 22 -35.43 3.38 3.07
CA SER A 22 -34.65 3.04 1.89
C SER A 22 -35.53 2.67 0.70
N ILE A 23 -35.11 3.09 -0.50
CA ILE A 23 -35.87 2.84 -1.73
C ILE A 23 -35.30 1.73 -2.62
N ILE A 24 -36.02 0.61 -2.68
CA ILE A 24 -35.60 -0.53 -3.49
C ILE A 24 -36.07 -0.37 -4.93
N GLY A 25 -35.16 -0.58 -5.88
CA GLY A 25 -35.50 -0.43 -7.28
C GLY A 25 -34.98 -1.50 -8.21
N THR A 26 -35.90 -2.21 -8.86
CA THR A 26 -35.61 -3.27 -9.82
C THR A 26 -34.98 -2.65 -11.07
N ILE A 27 -34.05 -3.35 -11.70
CA ILE A 27 -33.39 -2.81 -12.89
C ILE A 27 -33.68 -3.57 -14.17
N GLY A 28 -34.05 -2.83 -15.21
CA GLY A 28 -34.34 -3.44 -16.49
C GLY A 28 -33.24 -3.13 -17.48
N PRO A 29 -33.31 -3.66 -18.72
CA PRO A 29 -32.28 -3.42 -19.72
C PRO A 29 -32.02 -1.93 -19.85
N LYS A 30 -33.09 -1.15 -19.95
CA LYS A 30 -32.97 0.29 -20.06
C LYS A 30 -32.08 0.82 -18.93
N THR A 31 -32.55 0.64 -17.71
CA THR A 31 -31.84 1.11 -16.52
C THR A 31 -30.46 0.52 -16.29
N ASN A 32 -30.09 -0.52 -17.03
CA ASN A 32 -28.77 -1.13 -16.85
C ASN A 32 -27.61 -0.42 -17.54
N ASN A 33 -26.98 0.49 -16.80
CA ASN A 33 -25.82 1.27 -17.26
C ASN A 33 -25.52 2.23 -16.12
N PRO A 34 -24.23 2.59 -15.94
CA PRO A 34 -23.81 3.51 -14.87
C PRO A 34 -24.53 4.86 -14.82
N GLU A 35 -24.45 5.63 -15.91
CA GLU A 35 -25.09 6.95 -15.98
C GLU A 35 -26.49 6.99 -15.37
N THR A 36 -27.36 6.11 -15.86
CA THR A 36 -28.73 6.02 -15.35
C THR A 36 -28.71 5.52 -13.90
N LEU A 37 -28.00 4.42 -13.69
CA LEU A 37 -27.85 3.83 -12.36
C LEU A 37 -27.43 4.89 -11.36
N VAL A 38 -26.84 5.96 -11.85
CA VAL A 38 -26.40 7.04 -10.97
C VAL A 38 -27.53 8.03 -10.72
N ALA A 39 -28.10 8.56 -11.80
CA ALA A 39 -29.21 9.50 -11.68
C ALA A 39 -30.25 8.89 -10.74
N LEU A 40 -30.31 7.57 -10.75
CA LEU A 40 -31.22 6.78 -9.93
C LEU A 40 -30.79 6.78 -8.48
N ARG A 41 -29.52 6.46 -8.26
CA ARG A 41 -28.97 6.43 -6.92
C ARG A 41 -28.99 7.84 -6.32
N LYS A 42 -28.64 8.84 -7.12
CA LYS A 42 -28.63 10.22 -6.68
C LYS A 42 -30.03 10.65 -6.21
N ALA A 43 -31.05 10.30 -7.00
CA ALA A 43 -32.45 10.61 -6.71
C ALA A 43 -32.96 9.93 -5.46
N GLY A 44 -32.35 8.81 -5.09
CA GLY A 44 -32.79 8.12 -3.89
C GLY A 44 -32.63 6.62 -3.86
N LEU A 45 -32.31 6.01 -5.00
CA LEU A 45 -32.17 4.57 -5.01
C LEU A 45 -31.15 4.17 -3.97
N ASN A 46 -31.55 3.21 -3.14
CA ASN A 46 -30.70 2.71 -2.08
C ASN A 46 -30.22 1.34 -2.51
N ILE A 47 -31.17 0.43 -2.66
CA ILE A 47 -30.89 -0.94 -3.05
C ILE A 47 -31.36 -1.22 -4.46
N VAL A 48 -30.66 -2.12 -5.14
CA VAL A 48 -31.00 -2.50 -6.50
C VAL A 48 -31.49 -3.94 -6.42
N ARG A 49 -32.49 -4.27 -7.21
CA ARG A 49 -33.03 -5.61 -7.23
C ARG A 49 -33.01 -6.16 -8.66
N MET A 50 -32.63 -7.43 -8.78
CA MET A 50 -32.57 -8.10 -10.08
C MET A 50 -33.54 -9.27 -10.06
N ASN A 51 -34.64 -9.17 -10.81
CA ASN A 51 -35.61 -10.25 -10.86
C ASN A 51 -35.08 -11.41 -11.69
N PHE A 52 -34.72 -12.50 -11.03
CA PHE A 52 -34.19 -13.65 -11.73
C PHE A 52 -35.24 -14.48 -12.43
N SER A 53 -36.35 -13.84 -12.79
CA SER A 53 -37.43 -14.52 -13.48
C SER A 53 -37.11 -14.55 -14.97
N HIS A 54 -36.26 -13.61 -15.39
CA HIS A 54 -35.85 -13.51 -16.78
C HIS A 54 -34.39 -13.07 -16.80
N GLY A 55 -33.74 -13.23 -17.95
CA GLY A 55 -32.35 -12.82 -18.09
C GLY A 55 -31.30 -13.91 -17.89
N SER A 56 -30.26 -13.87 -18.70
CA SER A 56 -29.17 -14.83 -18.62
C SER A 56 -28.19 -14.31 -17.58
N TYR A 57 -27.31 -15.15 -17.09
CA TYR A 57 -26.37 -14.68 -16.09
C TYR A 57 -25.51 -13.60 -16.71
N GLU A 58 -25.59 -13.50 -18.02
CA GLU A 58 -24.86 -12.47 -18.73
C GLU A 58 -25.78 -11.26 -18.54
N TYR A 59 -27.07 -11.49 -18.80
CA TYR A 59 -28.13 -10.49 -18.66
C TYR A 59 -28.07 -9.83 -17.28
N HIS A 60 -27.64 -10.59 -16.27
CA HIS A 60 -27.57 -10.10 -14.90
C HIS A 60 -26.19 -9.66 -14.45
N LYS A 61 -25.20 -10.54 -14.57
CA LYS A 61 -23.83 -10.20 -14.16
C LYS A 61 -23.50 -8.79 -14.63
N SER A 62 -24.15 -8.39 -15.72
CA SER A 62 -23.99 -7.08 -16.30
C SER A 62 -24.40 -6.04 -15.28
N VAL A 63 -25.69 -6.12 -14.89
CA VAL A 63 -26.30 -5.22 -13.93
C VAL A 63 -25.42 -4.94 -12.74
N ILE A 64 -24.91 -6.00 -12.14
CA ILE A 64 -24.06 -5.87 -10.95
C ILE A 64 -22.85 -4.95 -11.10
N ASP A 65 -21.87 -5.33 -11.92
CA ASP A 65 -20.67 -4.51 -12.08
C ASP A 65 -20.99 -3.16 -12.67
N ASN A 66 -22.25 -2.96 -13.04
CA ASN A 66 -22.67 -1.68 -13.57
C ASN A 66 -23.04 -0.81 -12.39
N ALA A 67 -23.64 -1.45 -11.39
CA ALA A 67 -24.02 -0.77 -10.15
C ALA A 67 -22.68 -0.50 -9.44
N ARG A 68 -21.85 -1.54 -9.40
CA ARG A 68 -20.53 -1.46 -8.79
C ARG A 68 -19.81 -0.33 -9.50
N LYS A 69 -20.15 -0.18 -10.78
CA LYS A 69 -19.57 0.85 -11.61
C LYS A 69 -20.08 2.22 -11.20
N SER A 70 -21.37 2.31 -10.85
CA SER A 70 -21.95 3.58 -10.44
C SER A 70 -21.29 3.95 -9.14
N GLU A 71 -20.96 2.94 -8.33
CA GLU A 71 -20.30 3.18 -7.06
C GLU A 71 -18.95 3.82 -7.34
N GLU A 72 -18.29 3.34 -8.39
CA GLU A 72 -16.98 3.87 -8.77
C GLU A 72 -17.11 5.32 -9.23
N LEU A 73 -17.90 5.56 -10.28
CA LEU A 73 -18.11 6.91 -10.81
C LEU A 73 -18.39 7.92 -9.69
N TYR A 74 -19.18 7.47 -8.72
CA TYR A 74 -19.51 8.29 -7.55
C TYR A 74 -20.19 7.44 -6.50
N PRO A 75 -19.45 7.11 -5.43
CA PRO A 75 -19.91 6.28 -4.32
C PRO A 75 -21.24 6.68 -3.70
N GLY A 76 -21.34 7.94 -3.29
CA GLY A 76 -22.54 8.42 -2.66
C GLY A 76 -22.89 7.46 -1.53
N ARG A 77 -24.14 7.05 -1.45
CA ARG A 77 -24.56 6.13 -0.43
C ARG A 77 -24.15 4.73 -0.89
N PRO A 78 -23.71 3.87 0.04
CA PRO A 78 -23.32 2.52 -0.40
C PRO A 78 -24.56 1.84 -0.95
N LEU A 79 -24.41 1.16 -2.08
CA LEU A 79 -25.54 0.50 -2.71
C LEU A 79 -25.52 -1.00 -2.45
N ALA A 80 -26.70 -1.63 -2.53
CA ALA A 80 -26.80 -3.06 -2.28
C ALA A 80 -27.49 -3.80 -3.41
N ILE A 81 -26.85 -4.87 -3.84
CA ILE A 81 -27.34 -5.74 -4.92
C ILE A 81 -28.19 -6.79 -4.25
N ALA A 82 -29.23 -7.27 -4.93
CA ALA A 82 -30.09 -8.26 -4.31
C ALA A 82 -30.73 -9.16 -5.36
N LEU A 83 -30.55 -10.47 -5.19
CA LEU A 83 -31.12 -11.45 -6.12
C LEU A 83 -32.57 -11.75 -5.76
N ASP A 84 -33.43 -11.89 -6.76
CA ASP A 84 -34.83 -12.19 -6.51
C ASP A 84 -35.33 -13.43 -7.21
N THR A 85 -35.06 -14.56 -6.56
CA THR A 85 -35.46 -15.87 -7.01
C THR A 85 -36.63 -15.92 -7.98
N LYS A 86 -36.47 -16.75 -9.01
CA LYS A 86 -37.49 -16.98 -10.01
C LYS A 86 -38.18 -18.19 -9.41
N GLY A 87 -38.90 -17.96 -8.32
CA GLY A 87 -39.56 -19.05 -7.60
C GLY A 87 -40.35 -20.04 -8.42
N PRO A 88 -40.87 -21.10 -7.79
CA PRO A 88 -41.66 -22.13 -8.50
C PRO A 88 -42.99 -21.57 -9.05
N GLU A 89 -42.92 -20.97 -10.25
CA GLU A 89 -44.08 -20.40 -10.92
C GLU A 89 -44.63 -21.34 -12.01
N ILE A 90 -45.60 -20.87 -12.77
CA ILE A 90 -46.20 -21.69 -13.84
C ILE A 90 -46.44 -20.83 -15.12
N ARG A 91 -45.45 -20.69 -16.04
CA ARG A 91 -45.61 -19.88 -17.29
C ARG A 91 -46.31 -20.61 -18.46
N THR A 92 -47.36 -20.01 -19.01
CA THR A 92 -48.12 -20.61 -20.12
C THR A 92 -47.35 -20.63 -21.45
N GLY A 93 -47.74 -21.55 -22.33
CA GLY A 93 -47.08 -21.66 -23.62
C GLY A 93 -47.17 -20.42 -24.51
N THR A 94 -46.66 -20.51 -25.73
CA THR A 94 -46.68 -19.38 -26.66
C THR A 94 -47.76 -19.49 -27.72
N THR A 95 -48.22 -18.35 -28.21
CA THR A 95 -49.25 -18.31 -29.24
C THR A 95 -48.65 -18.55 -30.64
N THR A 96 -49.16 -19.59 -31.30
CA THR A 96 -48.74 -20.06 -32.63
C THR A 96 -47.98 -19.05 -33.52
N ASN A 97 -48.70 -18.27 -34.32
CA ASN A 97 -48.07 -17.30 -35.20
C ASN A 97 -47.50 -16.16 -34.37
N ASP A 98 -46.52 -16.46 -33.53
CA ASP A 98 -45.93 -15.41 -32.70
C ASP A 98 -47.02 -14.73 -31.86
N VAL A 99 -46.94 -13.40 -31.80
CA VAL A 99 -47.87 -12.58 -31.02
C VAL A 99 -49.37 -12.66 -31.32
N ASP A 100 -49.84 -13.74 -31.96
CA ASP A 100 -51.27 -13.83 -32.23
C ASP A 100 -52.01 -13.91 -30.89
N TYR A 101 -53.09 -13.16 -30.76
CA TYR A 101 -53.83 -13.15 -29.50
C TYR A 101 -55.33 -13.45 -29.64
N PRO A 102 -55.69 -14.75 -29.72
CA PRO A 102 -57.10 -15.15 -29.85
C PRO A 102 -57.88 -14.62 -28.65
N ILE A 103 -59.14 -14.30 -28.84
CA ILE A 103 -59.92 -13.76 -27.74
C ILE A 103 -61.06 -14.61 -27.20
N PRO A 104 -60.86 -15.23 -26.02
CA PRO A 104 -61.97 -16.03 -25.48
C PRO A 104 -62.98 -15.06 -24.86
N PRO A 105 -64.27 -15.30 -25.07
CA PRO A 105 -65.30 -14.42 -24.51
C PRO A 105 -65.81 -14.86 -23.14
N ASN A 106 -66.01 -16.18 -23.02
CA ASN A 106 -66.51 -16.84 -21.81
C ASN A 106 -66.82 -18.28 -22.25
N HIS A 107 -65.96 -18.79 -23.12
CA HIS A 107 -66.13 -20.12 -23.69
C HIS A 107 -65.38 -21.23 -22.96
N GLU A 108 -65.66 -22.47 -23.38
CA GLU A 108 -65.00 -23.65 -22.83
C GLU A 108 -63.82 -23.95 -23.76
N MET A 109 -62.68 -24.36 -23.20
CA MET A 109 -61.52 -24.72 -24.03
C MET A 109 -60.73 -25.84 -23.38
N ILE A 110 -59.40 -25.82 -23.43
CA ILE A 110 -58.68 -26.93 -22.82
C ILE A 110 -57.19 -26.74 -22.63
N PHE A 111 -56.79 -26.70 -21.36
CA PHE A 111 -55.39 -26.53 -21.02
C PHE A 111 -54.71 -27.89 -21.01
N THR A 112 -53.49 -27.93 -21.53
CA THR A 112 -52.69 -29.14 -21.62
C THR A 112 -51.23 -28.82 -21.31
N THR A 113 -50.48 -29.87 -20.97
CA THR A 113 -49.07 -29.76 -20.66
C THR A 113 -48.34 -30.80 -21.51
N ASP A 114 -48.37 -30.61 -22.83
CA ASP A 114 -47.73 -31.57 -23.73
C ASP A 114 -46.42 -31.10 -24.39
N ASP A 115 -46.20 -29.79 -24.42
CA ASP A 115 -44.97 -29.25 -25.03
C ASP A 115 -45.01 -29.41 -26.55
N LYS A 116 -45.92 -30.27 -27.03
CA LYS A 116 -46.09 -30.49 -28.46
C LYS A 116 -46.81 -29.25 -28.97
N TYR A 117 -47.46 -28.57 -28.04
CA TYR A 117 -48.20 -27.35 -28.32
C TYR A 117 -47.56 -26.15 -27.62
N ALA A 118 -46.39 -26.36 -27.04
CA ALA A 118 -45.68 -25.29 -26.34
C ALA A 118 -45.62 -24.05 -27.19
N LYS A 119 -44.80 -24.11 -28.24
CA LYS A 119 -44.62 -22.99 -29.16
C LYS A 119 -45.86 -22.77 -30.04
N ALA A 120 -46.61 -23.85 -30.27
CA ALA A 120 -47.81 -23.75 -31.09
C ALA A 120 -49.07 -24.01 -30.26
N CYS A 121 -49.61 -22.95 -29.65
CA CYS A 121 -50.79 -23.08 -28.81
C CYS A 121 -51.62 -21.80 -28.74
N ASP A 122 -52.94 -21.97 -28.71
CA ASP A 122 -53.86 -20.85 -28.61
C ASP A 122 -55.31 -21.22 -28.91
N ASP A 123 -56.21 -20.40 -28.36
CA ASP A 123 -57.66 -20.50 -28.51
C ASP A 123 -58.31 -21.84 -28.22
N LYS A 124 -57.81 -22.90 -28.86
CA LYS A 124 -58.36 -24.24 -28.67
C LYS A 124 -57.71 -24.97 -27.51
N ILE A 125 -56.40 -24.84 -27.39
CA ILE A 125 -55.66 -25.48 -26.30
C ILE A 125 -54.73 -24.46 -25.66
N MET A 126 -54.07 -24.86 -24.58
CA MET A 126 -53.11 -23.98 -23.91
C MET A 126 -52.04 -24.79 -23.19
N TYR A 127 -50.80 -24.32 -23.29
CA TYR A 127 -49.69 -25.01 -22.66
C TYR A 127 -49.40 -24.38 -21.30
N VAL A 128 -48.95 -25.20 -20.36
CA VAL A 128 -48.60 -24.79 -18.99
C VAL A 128 -47.37 -25.60 -18.62
N ASP A 129 -46.30 -24.93 -18.18
CA ASP A 129 -45.07 -25.66 -17.83
C ASP A 129 -45.05 -26.45 -16.52
N TYR A 130 -46.21 -26.52 -15.85
CA TYR A 130 -46.32 -27.27 -14.60
C TYR A 130 -46.93 -28.62 -14.91
N LYS A 131 -46.06 -29.56 -15.22
CA LYS A 131 -46.47 -30.90 -15.59
C LYS A 131 -47.40 -31.61 -14.60
N ASN A 132 -47.51 -31.13 -13.37
CA ASN A 132 -48.34 -31.82 -12.38
C ASN A 132 -49.70 -31.25 -12.05
N ILE A 133 -49.95 -29.99 -12.41
CA ILE A 133 -51.23 -29.34 -12.11
C ILE A 133 -52.38 -30.32 -12.22
N THR A 134 -52.31 -31.19 -13.22
CA THR A 134 -53.35 -32.20 -13.44
C THR A 134 -53.64 -32.99 -12.18
N LYS A 135 -52.60 -33.20 -11.38
CA LYS A 135 -52.71 -33.94 -10.14
C LYS A 135 -53.16 -33.05 -9.00
N VAL A 136 -52.43 -31.96 -8.79
CA VAL A 136 -52.74 -31.03 -7.73
C VAL A 136 -54.04 -30.27 -7.94
N ILE A 137 -54.49 -30.23 -9.19
CA ILE A 137 -55.72 -29.50 -9.53
C ILE A 137 -56.96 -30.39 -9.48
N SER A 138 -58.13 -29.78 -9.29
CA SER A 138 -59.38 -30.52 -9.22
C SER A 138 -60.58 -29.75 -9.76
N ALA A 139 -61.39 -30.43 -10.57
CA ALA A 139 -62.58 -29.81 -11.15
C ALA A 139 -63.32 -28.93 -10.15
N GLY A 140 -63.41 -27.63 -10.47
CA GLY A 140 -64.07 -26.69 -9.59
C GLY A 140 -63.09 -25.59 -9.29
N ARG A 141 -61.81 -25.94 -9.32
CA ARG A 141 -60.72 -25.02 -9.07
C ARG A 141 -60.80 -23.88 -10.09
N ILE A 142 -60.25 -22.72 -9.74
CA ILE A 142 -60.28 -21.56 -10.63
C ILE A 142 -58.88 -21.05 -10.92
N ILE A 143 -58.40 -21.34 -12.13
CA ILE A 143 -57.08 -20.93 -12.61
C ILE A 143 -57.09 -19.45 -13.01
N TYR A 144 -55.96 -18.77 -12.84
CA TYR A 144 -55.85 -17.36 -13.17
C TYR A 144 -54.73 -17.17 -14.17
N VAL A 145 -54.93 -16.31 -15.17
CA VAL A 145 -53.88 -16.06 -16.14
C VAL A 145 -53.46 -14.59 -16.29
N ASP A 146 -52.15 -14.36 -16.30
CA ASP A 146 -51.54 -13.04 -16.42
C ASP A 146 -52.12 -12.07 -15.41
N ASP A 147 -51.36 -11.80 -14.35
CA ASP A 147 -51.83 -10.91 -13.29
C ASP A 147 -53.30 -11.16 -12.99
N GLY A 148 -53.65 -12.44 -13.02
CA GLY A 148 -55.02 -12.87 -12.75
C GLY A 148 -56.08 -12.05 -13.45
N VAL A 149 -55.79 -11.64 -14.69
CA VAL A 149 -56.75 -10.85 -15.45
C VAL A 149 -57.80 -11.80 -16.02
N LEU A 150 -57.44 -13.07 -16.11
CA LEU A 150 -58.34 -14.09 -16.65
C LEU A 150 -58.63 -15.21 -15.67
N SER A 151 -59.85 -15.73 -15.71
CA SER A 151 -60.24 -16.82 -14.81
C SER A 151 -60.66 -18.05 -15.62
N PHE A 152 -60.48 -19.23 -15.03
CA PHE A 152 -60.80 -20.49 -15.70
C PHE A 152 -61.37 -21.58 -14.79
N GLN A 153 -62.70 -21.64 -14.65
CA GLN A 153 -63.32 -22.68 -13.82
C GLN A 153 -62.93 -24.04 -14.36
N VAL A 154 -62.20 -24.82 -13.58
CA VAL A 154 -61.81 -26.15 -14.00
C VAL A 154 -63.07 -26.99 -14.20
N LEU A 155 -63.45 -27.22 -15.47
CA LEU A 155 -64.65 -27.99 -15.76
C LEU A 155 -64.43 -29.48 -15.51
N GLU A 156 -63.33 -30.00 -16.04
CA GLU A 156 -63.03 -31.41 -15.86
C GLU A 156 -61.54 -31.71 -15.97
N VAL A 157 -61.22 -33.00 -15.88
CA VAL A 157 -59.83 -33.46 -15.98
C VAL A 157 -59.72 -34.53 -17.08
N VAL A 158 -59.40 -34.07 -18.28
CA VAL A 158 -59.24 -34.99 -19.40
C VAL A 158 -57.83 -35.57 -19.41
N ASP A 159 -57.75 -36.87 -19.65
CA ASP A 159 -56.47 -37.57 -19.67
C ASP A 159 -55.80 -37.21 -18.35
N ASP A 160 -54.53 -36.87 -18.44
CA ASP A 160 -53.74 -36.52 -17.26
C ASP A 160 -52.72 -35.48 -17.71
N LYS A 161 -53.05 -34.83 -18.82
CA LYS A 161 -52.22 -33.80 -19.43
C LYS A 161 -53.23 -32.83 -19.99
N THR A 162 -54.49 -33.22 -19.90
CA THR A 162 -55.57 -32.42 -20.41
C THR A 162 -56.47 -31.94 -19.29
N LEU A 163 -57.03 -30.73 -19.45
CA LEU A 163 -57.95 -30.17 -18.47
C LEU A 163 -59.04 -29.37 -19.18
N LYS A 164 -60.27 -29.85 -19.10
CA LYS A 164 -61.38 -29.13 -19.71
C LYS A 164 -61.58 -27.89 -18.84
N VAL A 165 -61.68 -26.71 -19.47
CA VAL A 165 -61.85 -25.46 -18.72
C VAL A 165 -62.77 -24.45 -19.41
N LYS A 166 -63.21 -23.43 -18.67
CA LYS A 166 -64.07 -22.37 -19.21
C LYS A 166 -63.64 -20.98 -18.72
N ALA A 167 -63.45 -20.05 -19.64
CA ALA A 167 -63.05 -18.69 -19.28
C ALA A 167 -64.18 -18.10 -18.46
N LEU A 168 -63.90 -17.77 -17.20
CA LEU A 168 -64.93 -17.21 -16.32
C LEU A 168 -65.12 -15.74 -16.64
N ASN A 169 -64.21 -15.19 -17.46
CA ASN A 169 -64.28 -13.79 -17.91
C ASN A 169 -63.59 -13.58 -19.27
N ALA A 170 -63.80 -12.41 -19.86
CA ALA A 170 -63.26 -12.08 -21.19
C ALA A 170 -61.75 -11.91 -21.29
N GLY A 171 -61.31 -11.25 -22.35
CA GLY A 171 -59.89 -11.02 -22.56
C GLY A 171 -59.36 -11.81 -23.74
N LYS A 172 -58.17 -11.46 -24.20
CA LYS A 172 -57.56 -12.16 -25.32
C LYS A 172 -56.40 -12.99 -24.79
N ILE A 173 -56.30 -14.23 -25.21
CA ILE A 173 -55.22 -15.10 -24.76
C ILE A 173 -53.90 -14.83 -25.49
N CYS A 174 -52.87 -14.46 -24.72
CA CYS A 174 -51.55 -14.15 -25.24
C CYS A 174 -50.55 -15.26 -24.93
N SER A 175 -49.26 -14.98 -25.12
CA SER A 175 -48.25 -15.98 -24.85
C SER A 175 -47.51 -15.66 -23.55
N HIS A 176 -46.74 -16.63 -23.09
CA HIS A 176 -45.93 -16.53 -21.87
C HIS A 176 -46.36 -15.53 -20.81
N LYS A 177 -47.25 -15.97 -19.93
CA LYS A 177 -47.75 -15.16 -18.82
C LYS A 177 -47.88 -16.08 -17.59
N GLY A 178 -47.79 -15.51 -16.40
CA GLY A 178 -47.87 -16.33 -15.20
C GLY A 178 -49.24 -16.90 -14.84
N VAL A 179 -49.25 -18.18 -14.46
CA VAL A 179 -50.49 -18.86 -14.07
C VAL A 179 -50.58 -19.01 -12.55
N ASN A 180 -51.68 -18.54 -11.97
CA ASN A 180 -51.88 -18.60 -10.52
C ASN A 180 -52.89 -19.68 -10.09
N LEU A 181 -52.50 -20.45 -9.09
CA LEU A 181 -53.37 -21.51 -8.58
C LEU A 181 -54.00 -21.22 -7.21
N PRO A 182 -55.03 -20.36 -7.17
CA PRO A 182 -55.69 -20.03 -5.90
C PRO A 182 -56.40 -21.23 -5.31
N GLY A 183 -55.91 -21.69 -4.16
CA GLY A 183 -56.50 -22.82 -3.46
C GLY A 183 -56.04 -24.19 -3.92
N THR A 184 -54.77 -24.29 -4.33
CA THR A 184 -54.24 -25.58 -4.79
C THR A 184 -52.82 -25.81 -4.24
N ASP A 185 -52.69 -26.86 -3.44
CA ASP A 185 -51.41 -27.21 -2.85
C ASP A 185 -50.46 -27.58 -3.98
N VAL A 186 -49.55 -26.67 -4.32
CA VAL A 186 -48.59 -26.93 -5.37
C VAL A 186 -47.42 -27.67 -4.75
N ASP A 187 -46.94 -28.70 -5.45
CA ASP A 187 -45.82 -29.49 -4.94
C ASP A 187 -44.45 -29.05 -5.44
N LEU A 188 -44.38 -27.90 -6.09
CA LEU A 188 -43.11 -27.38 -6.59
C LEU A 188 -42.33 -26.78 -5.39
N PRO A 189 -41.00 -27.00 -5.24
CA PRO A 189 -40.15 -26.47 -4.15
C PRO A 189 -39.92 -24.95 -4.19
N ALA A 190 -39.89 -24.30 -3.03
CA ALA A 190 -39.65 -22.86 -2.98
C ALA A 190 -38.43 -22.61 -3.84
N LEU A 191 -37.50 -23.55 -3.77
CA LEU A 191 -36.28 -23.47 -4.55
C LEU A 191 -36.25 -24.65 -5.53
N SER A 192 -35.74 -24.39 -6.74
CA SER A 192 -35.63 -25.42 -7.76
C SER A 192 -34.16 -25.70 -8.01
N GLU A 193 -33.88 -26.67 -8.88
CA GLU A 193 -32.51 -27.01 -9.19
C GLU A 193 -31.73 -25.80 -9.72
N LYS A 194 -32.39 -25.00 -10.55
CA LYS A 194 -31.78 -23.81 -11.12
C LYS A 194 -31.61 -22.73 -10.05
N ASP A 195 -32.67 -22.51 -9.27
CA ASP A 195 -32.66 -21.51 -8.21
C ASP A 195 -31.47 -21.71 -7.32
N LYS A 196 -31.14 -22.97 -7.06
CA LYS A 196 -29.99 -23.28 -6.23
C LYS A 196 -28.74 -22.71 -6.90
N GLU A 197 -28.77 -22.66 -8.23
CA GLU A 197 -27.65 -22.14 -9.02
C GLU A 197 -27.65 -20.61 -9.03
N ASP A 198 -28.82 -20.01 -9.17
CA ASP A 198 -28.90 -18.56 -9.19
C ASP A 198 -28.37 -17.98 -7.88
N LEU A 199 -28.72 -18.63 -6.77
CA LEU A 199 -28.28 -18.18 -5.45
C LEU A 199 -26.77 -18.29 -5.43
N ARG A 200 -26.28 -19.51 -5.67
CA ARG A 200 -24.85 -19.79 -5.70
C ARG A 200 -24.10 -18.81 -6.60
N PHE A 201 -24.77 -18.39 -7.67
CA PHE A 201 -24.22 -17.46 -8.64
C PHE A 201 -24.16 -16.09 -7.96
N GLY A 202 -25.23 -15.78 -7.24
CA GLY A 202 -25.30 -14.52 -6.53
C GLY A 202 -24.28 -14.45 -5.40
N VAL A 203 -24.24 -15.48 -4.55
CA VAL A 203 -23.28 -15.53 -3.44
C VAL A 203 -21.90 -15.21 -4.00
N LYS A 204 -21.49 -16.00 -4.98
CA LYS A 204 -20.22 -15.85 -5.67
C LYS A 204 -20.04 -14.41 -6.07
N ASN A 205 -21.06 -13.88 -6.75
CA ASN A 205 -21.05 -12.50 -7.23
C ASN A 205 -21.27 -11.44 -6.16
N GLY A 206 -21.26 -11.86 -4.90
CA GLY A 206 -21.42 -10.94 -3.78
C GLY A 206 -22.65 -10.08 -3.65
N VAL A 207 -23.83 -10.64 -3.92
CA VAL A 207 -25.07 -9.90 -3.77
C VAL A 207 -25.44 -10.03 -2.29
N HIS A 208 -25.82 -8.91 -1.65
CA HIS A 208 -26.13 -8.94 -0.21
C HIS A 208 -27.43 -9.56 0.28
N MET A 209 -28.46 -9.61 -0.55
CA MET A 209 -29.71 -10.18 -0.09
C MET A 209 -30.15 -11.33 -0.97
N VAL A 210 -31.44 -11.65 -0.88
CA VAL A 210 -32.12 -12.70 -1.65
C VAL A 210 -33.57 -12.55 -1.25
N PHE A 211 -34.46 -12.49 -2.23
CA PHE A 211 -35.87 -12.35 -1.94
C PHE A 211 -36.52 -13.63 -2.44
N ALA A 212 -36.51 -14.68 -1.63
CA ALA A 212 -37.09 -15.95 -2.05
C ALA A 212 -38.59 -15.85 -2.38
N SER A 213 -38.93 -15.99 -3.65
CA SER A 213 -40.33 -15.91 -4.07
C SER A 213 -41.09 -17.15 -3.62
N PHE A 214 -42.41 -16.98 -3.51
CA PHE A 214 -43.33 -18.03 -3.12
C PHE A 214 -42.98 -18.92 -1.94
N ILE A 215 -42.59 -18.33 -0.81
CA ILE A 215 -42.26 -19.13 0.38
C ILE A 215 -43.55 -19.62 1.04
N ARG A 216 -43.57 -20.90 1.39
CA ARG A 216 -44.77 -21.46 2.00
C ARG A 216 -44.55 -21.81 3.48
N THR A 217 -43.36 -22.31 3.82
CA THR A 217 -43.08 -22.69 5.19
C THR A 217 -41.66 -22.43 5.66
N ALA A 218 -41.46 -22.57 6.97
CA ALA A 218 -40.17 -22.35 7.60
C ALA A 218 -39.05 -23.18 6.98
N ASN A 219 -39.32 -24.45 6.70
CA ASN A 219 -38.29 -25.31 6.11
C ASN A 219 -37.71 -24.60 4.89
N ASP A 220 -38.59 -24.11 4.02
CA ASP A 220 -38.18 -23.42 2.80
C ASP A 220 -37.09 -22.42 3.08
N VAL A 221 -37.21 -21.73 4.21
CA VAL A 221 -36.24 -20.73 4.59
C VAL A 221 -34.96 -21.42 5.01
N LEU A 222 -35.12 -22.41 5.88
CA LEU A 222 -33.99 -23.17 6.39
C LEU A 222 -33.18 -23.72 5.22
N THR A 223 -33.91 -24.17 4.20
CA THR A 223 -33.33 -24.75 2.98
C THR A 223 -32.51 -23.75 2.16
N ILE A 224 -33.08 -22.57 1.94
CA ILE A 224 -32.40 -21.54 1.18
C ILE A 224 -31.27 -20.95 2.01
N ARG A 225 -31.27 -21.27 3.30
CA ARG A 225 -30.25 -20.80 4.21
C ARG A 225 -28.98 -21.63 4.03
N GLU A 226 -29.17 -22.94 3.92
CA GLU A 226 -28.04 -23.84 3.74
C GLU A 226 -27.57 -23.89 2.29
N VAL A 227 -28.51 -23.75 1.36
CA VAL A 227 -28.19 -23.75 -0.07
C VAL A 227 -27.25 -22.56 -0.28
N LEU A 228 -27.54 -21.48 0.44
CA LEU A 228 -26.71 -20.29 0.36
C LEU A 228 -25.31 -20.71 0.76
N GLY A 229 -25.22 -21.54 1.80
CA GLY A 229 -23.93 -22.03 2.25
C GLY A 229 -23.17 -21.16 3.22
N GLU A 230 -22.01 -21.68 3.64
CA GLU A 230 -21.13 -20.98 4.58
C GLU A 230 -20.70 -19.62 4.07
N GLN A 231 -20.41 -19.54 2.78
CA GLN A 231 -19.98 -18.29 2.16
C GLN A 231 -21.11 -17.28 2.09
N GLY A 232 -22.35 -17.75 2.27
CA GLY A 232 -23.50 -16.88 2.23
C GLY A 232 -24.25 -16.72 3.53
N LYS A 233 -23.56 -16.97 4.64
CA LYS A 233 -24.16 -16.84 5.96
C LYS A 233 -24.48 -15.39 6.23
N ASP A 234 -23.59 -14.52 5.76
CA ASP A 234 -23.71 -13.08 5.92
C ASP A 234 -24.72 -12.40 5.01
N VAL A 235 -25.41 -13.17 4.17
CA VAL A 235 -26.42 -12.59 3.27
C VAL A 235 -27.83 -12.78 3.84
N LYS A 236 -28.71 -11.82 3.58
CA LYS A 236 -30.07 -11.87 4.10
C LYS A 236 -31.13 -12.56 3.28
N ILE A 237 -31.97 -13.32 3.98
CA ILE A 237 -33.07 -14.04 3.37
C ILE A 237 -34.36 -13.26 3.61
N ILE A 238 -34.87 -12.64 2.56
CA ILE A 238 -36.09 -11.87 2.65
C ILE A 238 -37.26 -12.64 2.07
N VAL A 239 -37.93 -13.37 2.96
CA VAL A 239 -39.09 -14.17 2.62
C VAL A 239 -40.10 -13.34 1.84
N LYS A 240 -40.66 -13.95 0.80
CA LYS A 240 -41.67 -13.27 -0.01
C LYS A 240 -43.03 -13.92 0.21
N ILE A 241 -43.94 -13.19 0.86
CA ILE A 241 -45.27 -13.72 1.13
C ILE A 241 -46.21 -13.36 -0.01
N GLU A 242 -46.56 -14.36 -0.82
CA GLU A 242 -47.44 -14.15 -1.95
C GLU A 242 -48.51 -15.23 -2.13
N ASN A 243 -48.75 -16.01 -1.08
CA ASN A 243 -49.78 -17.06 -1.14
C ASN A 243 -50.38 -17.33 0.25
N GLN A 244 -51.44 -18.14 0.30
CA GLN A 244 -52.11 -18.48 1.55
C GLN A 244 -51.22 -19.34 2.44
N GLN A 245 -50.50 -20.25 1.81
CA GLN A 245 -49.60 -21.12 2.56
C GLN A 245 -48.58 -20.26 3.31
N GLY A 246 -48.23 -19.11 2.73
CA GLY A 246 -47.26 -18.24 3.35
C GLY A 246 -47.83 -17.33 4.44
N VAL A 247 -49.14 -17.16 4.44
CA VAL A 247 -49.78 -16.32 5.44
C VAL A 247 -50.29 -17.23 6.57
N ASN A 248 -51.00 -18.29 6.19
CA ASN A 248 -51.53 -19.24 7.14
C ASN A 248 -50.34 -19.94 7.80
N ASN A 249 -49.22 -19.23 7.89
CA ASN A 249 -48.04 -19.81 8.50
C ASN A 249 -46.97 -18.79 8.82
N PHE A 250 -47.19 -17.56 8.37
CA PHE A 250 -46.24 -16.47 8.60
C PHE A 250 -45.49 -16.50 9.95
N ASP A 251 -46.23 -16.62 11.04
CA ASP A 251 -45.64 -16.63 12.37
C ASP A 251 -44.50 -17.61 12.60
N GLU A 252 -44.66 -18.85 12.17
CA GLU A 252 -43.57 -19.81 12.36
C GLU A 252 -42.44 -19.50 11.40
N ILE A 253 -42.77 -18.86 10.27
CA ILE A 253 -41.79 -18.50 9.25
C ILE A 253 -40.99 -17.28 9.70
N LEU A 254 -41.69 -16.32 10.28
CA LEU A 254 -41.09 -15.08 10.77
C LEU A 254 -39.96 -15.42 11.71
N LYS A 255 -40.17 -16.48 12.48
CA LYS A 255 -39.17 -16.90 13.45
C LYS A 255 -37.77 -16.95 12.87
N VAL A 256 -37.53 -17.95 12.05
CA VAL A 256 -36.22 -18.18 11.45
C VAL A 256 -35.69 -17.19 10.39
N THR A 257 -36.56 -16.44 9.72
CA THR A 257 -36.10 -15.51 8.68
C THR A 257 -35.40 -14.25 9.17
N ASP A 258 -34.75 -13.55 8.24
CA ASP A 258 -34.05 -12.31 8.53
C ASP A 258 -35.05 -11.18 8.31
N GLY A 259 -35.78 -11.27 7.20
CA GLY A 259 -36.75 -10.27 6.85
C GLY A 259 -38.00 -10.87 6.22
N VAL A 260 -38.81 -10.01 5.60
CA VAL A 260 -40.06 -10.44 4.98
C VAL A 260 -40.52 -9.36 4.01
N MET A 261 -41.02 -9.78 2.85
CA MET A 261 -41.51 -8.81 1.90
C MET A 261 -42.92 -9.14 1.49
N VAL A 262 -43.78 -8.12 1.54
CA VAL A 262 -45.15 -8.32 1.15
C VAL A 262 -45.16 -8.32 -0.37
N ALA A 263 -44.99 -9.52 -0.92
CA ALA A 263 -44.99 -9.72 -2.34
C ALA A 263 -46.42 -9.46 -2.80
N ARG A 264 -46.77 -8.19 -2.89
CA ARG A 264 -48.12 -7.84 -3.28
C ARG A 264 -48.60 -8.54 -4.55
N GLY A 265 -47.86 -8.37 -5.64
CA GLY A 265 -48.20 -8.97 -6.93
C GLY A 265 -49.01 -10.27 -6.93
N ASP A 266 -48.32 -11.40 -6.85
CA ASP A 266 -49.03 -12.67 -6.83
C ASP A 266 -50.01 -12.72 -5.65
N LEU A 267 -49.56 -12.28 -4.48
CA LEU A 267 -50.40 -12.28 -3.28
C LEU A 267 -51.80 -11.75 -3.61
N GLY A 268 -51.84 -10.67 -4.36
CA GLY A 268 -53.11 -10.09 -4.76
C GLY A 268 -53.87 -10.98 -5.74
N ILE A 269 -53.13 -11.86 -6.41
CA ILE A 269 -53.73 -12.79 -7.36
C ILE A 269 -54.10 -14.04 -6.57
N GLU A 270 -53.15 -14.47 -5.75
CA GLU A 270 -53.31 -15.64 -4.91
C GLU A 270 -54.60 -15.60 -4.12
N ILE A 271 -54.69 -14.60 -3.24
CA ILE A 271 -55.86 -14.43 -2.38
C ILE A 271 -56.66 -13.22 -2.84
N PRO A 272 -57.88 -13.05 -2.30
CA PRO A 272 -58.70 -11.91 -2.70
C PRO A 272 -57.93 -10.59 -2.68
N ALA A 273 -58.24 -9.72 -3.65
CA ALA A 273 -57.58 -8.44 -3.77
C ALA A 273 -57.84 -7.55 -2.57
N PRO A 274 -59.12 -7.35 -2.20
CA PRO A 274 -59.41 -6.50 -1.05
C PRO A 274 -58.72 -6.99 0.24
N GLU A 275 -58.62 -8.31 0.39
CA GLU A 275 -57.99 -8.91 1.57
C GLU A 275 -56.61 -8.35 1.88
N VAL A 276 -55.83 -8.08 0.83
CA VAL A 276 -54.47 -7.56 0.97
C VAL A 276 -54.39 -6.44 1.98
N LEU A 277 -55.23 -5.42 1.79
CA LEU A 277 -55.24 -4.26 2.68
C LEU A 277 -54.91 -4.63 4.13
N ALA A 278 -55.65 -5.59 4.67
CA ALA A 278 -55.43 -6.05 6.04
C ALA A 278 -54.26 -7.03 6.06
N VAL A 279 -54.20 -7.92 5.08
CA VAL A 279 -53.10 -8.88 5.03
C VAL A 279 -51.76 -8.20 4.81
N GLN A 280 -51.77 -6.89 4.63
CA GLN A 280 -50.53 -6.16 4.43
C GLN A 280 -50.04 -5.62 5.77
N LYS A 281 -50.85 -4.73 6.34
CA LYS A 281 -50.58 -4.08 7.61
C LYS A 281 -50.34 -5.08 8.73
N LYS A 282 -51.00 -6.22 8.63
CA LYS A 282 -50.88 -7.27 9.62
C LYS A 282 -49.47 -7.88 9.64
N LEU A 283 -48.94 -8.14 8.45
CA LEU A 283 -47.61 -8.73 8.29
C LEU A 283 -46.51 -7.74 8.61
N ILE A 284 -46.76 -6.47 8.35
CA ILE A 284 -45.75 -5.45 8.64
C ILE A 284 -45.73 -5.26 10.14
N ALA A 285 -46.90 -5.23 10.75
CA ALA A 285 -47.01 -5.07 12.20
C ALA A 285 -46.34 -6.25 12.90
N LYS A 286 -46.64 -7.46 12.42
CA LYS A 286 -46.06 -8.66 12.98
C LYS A 286 -44.54 -8.64 12.80
N SER A 287 -44.10 -8.09 11.67
CA SER A 287 -42.69 -8.02 11.40
C SER A 287 -42.05 -7.08 12.40
N ASN A 288 -42.63 -5.89 12.52
CA ASN A 288 -42.12 -4.88 13.45
C ASN A 288 -41.89 -5.47 14.83
N LEU A 289 -42.90 -6.20 15.34
CA LEU A 289 -42.79 -6.81 16.65
C LEU A 289 -41.59 -7.72 16.69
N ALA A 290 -41.52 -8.62 15.71
CA ALA A 290 -40.42 -9.55 15.64
C ALA A 290 -39.11 -8.80 15.45
N GLY A 291 -39.21 -7.55 15.02
CA GLY A 291 -38.02 -6.72 14.84
C GLY A 291 -37.27 -6.90 13.52
N LYS A 292 -37.77 -7.80 12.68
CA LYS A 292 -37.18 -8.10 11.37
C LYS A 292 -37.65 -7.13 10.29
N PRO A 293 -36.74 -6.71 9.40
CA PRO A 293 -36.98 -5.78 8.28
C PRO A 293 -38.02 -6.20 7.25
N VAL A 294 -39.08 -5.40 7.12
CA VAL A 294 -40.14 -5.70 6.16
C VAL A 294 -40.09 -4.74 4.96
N ILE A 295 -40.58 -5.22 3.83
CA ILE A 295 -40.57 -4.44 2.59
C ILE A 295 -41.90 -4.48 1.86
N CYS A 296 -42.39 -3.32 1.46
CA CYS A 296 -43.63 -3.30 0.69
C CYS A 296 -43.20 -3.25 -0.78
N ALA A 297 -43.89 -3.99 -1.65
CA ALA A 297 -43.49 -4.02 -3.05
C ALA A 297 -44.56 -4.30 -4.09
N THR A 298 -44.34 -3.75 -5.29
CA THR A 298 -45.22 -3.93 -6.45
C THR A 298 -46.38 -2.97 -6.64
N GLN A 299 -46.45 -2.38 -7.83
CA GLN A 299 -47.51 -1.45 -8.23
C GLN A 299 -47.73 -0.23 -7.34
N MET A 300 -46.68 0.28 -6.72
CA MET A 300 -46.86 1.44 -5.85
C MET A 300 -47.05 2.72 -6.69
N LEU A 301 -46.31 2.80 -7.79
CA LEU A 301 -46.37 3.92 -8.71
C LEU A 301 -46.41 3.30 -10.10
N GLU A 302 -47.18 2.21 -10.19
CA GLU A 302 -47.33 1.45 -11.42
C GLU A 302 -47.54 2.34 -12.64
N SER A 303 -48.54 3.21 -12.57
CA SER A 303 -48.86 4.10 -13.67
C SER A 303 -47.68 4.99 -14.00
N MET A 304 -46.83 5.26 -13.01
CA MET A 304 -45.68 6.13 -13.23
C MET A 304 -44.67 5.47 -14.16
N THR A 305 -45.16 4.48 -14.90
CA THR A 305 -44.34 3.75 -15.87
C THR A 305 -44.56 4.40 -17.23
N TYR A 306 -45.83 4.63 -17.57
CA TYR A 306 -46.19 5.25 -18.83
C TYR A 306 -46.41 6.74 -18.66
N ASN A 307 -46.44 7.19 -17.41
CA ASN A 307 -46.66 8.59 -17.12
C ASN A 307 -45.64 9.17 -16.14
N PRO A 308 -45.39 10.49 -16.23
CA PRO A 308 -44.44 11.16 -15.34
C PRO A 308 -45.04 11.50 -13.98
N ARG A 309 -46.36 11.69 -13.94
CA ARG A 309 -47.08 12.00 -12.70
C ARG A 309 -47.77 10.73 -12.19
N PRO A 310 -47.61 10.45 -10.90
CA PRO A 310 -48.25 9.26 -10.30
C PRO A 310 -49.69 9.62 -9.96
N THR A 311 -50.46 8.62 -9.55
CA THR A 311 -51.86 8.86 -9.20
C THR A 311 -52.00 9.20 -7.72
N ARG A 312 -53.24 9.43 -7.29
CA ARG A 312 -53.57 9.76 -5.92
C ARG A 312 -53.38 8.53 -5.07
N ALA A 313 -53.94 7.42 -5.52
CA ALA A 313 -53.83 6.15 -4.81
C ALA A 313 -52.37 5.79 -4.57
N GLU A 314 -51.59 5.83 -5.63
CA GLU A 314 -50.16 5.50 -5.59
C GLU A 314 -49.37 6.34 -4.59
N VAL A 315 -49.56 7.66 -4.64
CA VAL A 315 -48.90 8.54 -3.71
C VAL A 315 -49.41 8.13 -2.31
N SER A 316 -50.73 8.20 -2.15
CA SER A 316 -51.36 7.84 -0.87
C SER A 316 -51.36 6.33 -0.63
N ASP A 317 -50.24 5.69 -0.94
CA ASP A 317 -50.07 4.25 -0.78
C ASP A 317 -48.59 4.04 -0.42
N VAL A 318 -47.77 4.91 -0.98
CA VAL A 318 -46.34 4.89 -0.73
C VAL A 318 -46.23 5.37 0.71
N GLY A 319 -46.90 6.47 1.02
CA GLY A 319 -46.87 7.01 2.37
C GLY A 319 -47.46 6.06 3.40
N ASN A 320 -48.61 5.48 3.09
CA ASN A 320 -49.27 4.56 4.00
C ASN A 320 -48.42 3.35 4.35
N ALA A 321 -47.85 2.70 3.35
CA ALA A 321 -47.00 1.54 3.59
C ALA A 321 -45.94 1.86 4.64
N ILE A 322 -45.53 3.12 4.68
CA ILE A 322 -44.51 3.56 5.63
C ILE A 322 -45.13 3.76 7.02
N LEU A 323 -46.36 4.28 7.07
CA LEU A 323 -47.07 4.48 8.32
C LEU A 323 -47.35 3.14 8.95
N ASP A 324 -47.65 2.15 8.12
CA ASP A 324 -47.94 0.80 8.60
C ASP A 324 -46.68 0.07 9.11
N GLY A 325 -45.52 0.71 8.97
CA GLY A 325 -44.29 0.11 9.46
C GLY A 325 -43.25 -0.43 8.49
N ALA A 326 -43.45 -0.22 7.19
CA ALA A 326 -42.50 -0.75 6.22
C ALA A 326 -41.10 -0.14 6.38
N ASP A 327 -40.07 -0.98 6.26
CA ASP A 327 -38.70 -0.51 6.40
C ASP A 327 -38.13 -0.09 5.07
N CYS A 328 -38.73 -0.60 3.98
CA CYS A 328 -38.29 -0.27 2.63
C CYS A 328 -39.45 -0.20 1.64
N VAL A 329 -39.26 0.55 0.57
CA VAL A 329 -40.27 0.72 -0.50
C VAL A 329 -39.67 0.18 -1.79
N MET A 330 -40.45 -0.56 -2.57
CA MET A 330 -39.91 -1.12 -3.79
C MET A 330 -40.43 -0.48 -5.07
N LEU A 331 -39.80 -0.86 -6.17
CA LEU A 331 -40.15 -0.37 -7.50
C LEU A 331 -39.81 -1.50 -8.48
N SER A 332 -40.84 -2.07 -9.10
CA SER A 332 -40.65 -3.16 -10.04
C SER A 332 -40.48 -2.66 -11.48
N GLY A 333 -41.58 -2.67 -12.24
CA GLY A 333 -41.52 -2.23 -13.62
C GLY A 333 -41.43 -0.73 -13.82
N GLU A 334 -41.42 0.02 -12.71
CA GLU A 334 -41.32 1.46 -12.80
C GLU A 334 -39.86 1.83 -12.97
N THR A 335 -38.99 0.83 -12.87
CA THR A 335 -37.57 1.04 -13.00
C THR A 335 -36.97 0.04 -14.01
N ALA A 336 -37.55 -1.14 -14.07
CA ALA A 336 -37.05 -2.18 -14.97
C ALA A 336 -37.74 -2.23 -16.34
N LYS A 337 -38.73 -1.37 -16.57
CA LYS A 337 -39.45 -1.38 -17.84
C LYS A 337 -40.18 -0.07 -18.12
N GLY A 338 -39.96 0.94 -17.28
CA GLY A 338 -40.63 2.22 -17.44
C GLY A 338 -39.90 3.35 -18.14
N ASN A 339 -40.68 4.33 -18.58
CA ASN A 339 -40.18 5.51 -19.29
C ASN A 339 -39.66 6.59 -18.33
N TYR A 340 -40.20 6.61 -17.11
CA TYR A 340 -39.81 7.61 -16.12
C TYR A 340 -39.32 7.02 -14.80
N PRO A 341 -38.19 6.30 -14.82
CA PRO A 341 -37.66 5.71 -13.60
C PRO A 341 -37.06 6.72 -12.64
N ILE A 342 -36.51 7.79 -13.17
CA ILE A 342 -35.90 8.80 -12.31
C ILE A 342 -36.99 9.48 -11.48
N ASN A 343 -38.12 9.77 -12.10
CA ASN A 343 -39.24 10.43 -11.41
C ASN A 343 -39.85 9.49 -10.39
N ALA A 344 -39.77 8.19 -10.67
CA ALA A 344 -40.33 7.17 -9.79
C ALA A 344 -39.69 7.26 -8.42
N VAL A 345 -38.40 7.05 -8.36
CA VAL A 345 -37.66 7.13 -7.12
C VAL A 345 -37.88 8.53 -6.55
N THR A 346 -37.92 9.52 -7.43
CA THR A 346 -38.09 10.91 -7.03
C THR A 346 -39.45 11.24 -6.42
N THR A 347 -40.46 10.43 -6.72
CA THR A 347 -41.78 10.67 -6.15
C THR A 347 -41.95 9.84 -4.88
N MET A 348 -41.44 8.63 -4.94
CA MET A 348 -41.48 7.73 -3.79
C MET A 348 -40.81 8.53 -2.67
N ALA A 349 -39.55 8.87 -2.90
CA ALA A 349 -38.72 9.64 -1.97
C ALA A 349 -39.45 10.81 -1.34
N GLU A 350 -39.86 11.76 -2.17
CA GLU A 350 -40.57 12.93 -1.68
C GLU A 350 -41.74 12.58 -0.76
N THR A 351 -42.46 11.50 -1.09
CA THR A 351 -43.59 11.08 -0.27
C THR A 351 -43.15 10.46 1.05
N ALA A 352 -42.03 9.75 1.07
CA ALA A 352 -41.56 9.12 2.29
C ALA A 352 -41.28 10.13 3.39
N VAL A 353 -40.74 11.28 3.01
CA VAL A 353 -40.42 12.32 3.99
C VAL A 353 -41.67 12.93 4.61
N ILE A 354 -42.73 13.07 3.83
CA ILE A 354 -43.97 13.62 4.36
C ILE A 354 -44.62 12.53 5.20
N ALA A 355 -44.40 11.28 4.80
CA ALA A 355 -44.97 10.13 5.47
C ALA A 355 -44.29 9.80 6.79
N GLU A 356 -43.19 10.46 7.08
CA GLU A 356 -42.50 10.17 8.33
C GLU A 356 -42.65 11.31 9.28
N GLN A 357 -43.21 12.40 8.77
CA GLN A 357 -43.42 13.59 9.59
C GLN A 357 -44.84 13.54 10.12
N ALA A 358 -45.47 12.37 9.98
CA ALA A 358 -46.84 12.19 10.44
C ALA A 358 -46.90 11.12 11.51
N ILE A 359 -45.84 10.32 11.62
CA ILE A 359 -45.78 9.26 12.60
C ILE A 359 -45.85 9.80 14.03
N ALA A 360 -46.32 8.93 14.94
CA ALA A 360 -46.44 9.25 16.35
C ALA A 360 -45.31 8.50 17.04
N TYR A 361 -44.11 9.04 16.90
CA TYR A 361 -42.90 8.47 17.46
C TYR A 361 -42.91 8.08 18.94
N LEU A 362 -43.35 8.99 19.81
CA LEU A 362 -43.39 8.71 21.24
C LEU A 362 -44.35 7.54 21.53
N PRO A 363 -45.66 7.71 21.26
CA PRO A 363 -46.59 6.61 21.52
C PRO A 363 -46.31 5.31 20.77
N ASN A 364 -45.84 5.39 19.54
CA ASN A 364 -45.55 4.17 18.80
C ASN A 364 -44.40 3.43 19.49
N TYR A 365 -43.48 4.21 20.05
CA TYR A 365 -42.31 3.68 20.74
C TYR A 365 -42.72 2.90 21.98
N ASP A 366 -43.61 3.51 22.77
CA ASP A 366 -44.12 2.90 23.99
C ASP A 366 -44.77 1.57 23.66
N ASP A 367 -45.80 1.62 22.82
CA ASP A 367 -46.53 0.43 22.40
C ASP A 367 -45.57 -0.71 22.07
N MET A 368 -44.48 -0.39 21.39
CA MET A 368 -43.52 -1.41 21.00
C MET A 368 -42.80 -2.04 22.18
N ARG A 369 -42.53 -1.26 23.24
CA ARG A 369 -41.82 -1.81 24.42
C ARG A 369 -42.75 -2.60 25.34
N ASN A 370 -44.05 -2.34 25.24
CA ASN A 370 -45.03 -3.04 26.05
C ASN A 370 -45.42 -4.38 25.46
N CYS A 371 -44.55 -4.90 24.59
CA CYS A 371 -44.80 -6.20 23.97
C CYS A 371 -43.57 -7.11 24.18
N THR A 372 -43.73 -7.99 25.17
CA THR A 372 -42.73 -8.97 25.60
C THR A 372 -41.53 -8.42 26.34
N PRO A 373 -41.71 -7.35 27.14
CA PRO A 373 -40.49 -6.91 27.82
C PRO A 373 -40.31 -7.86 29.00
N LYS A 374 -39.35 -8.78 28.89
CA LYS A 374 -39.10 -9.73 29.97
C LYS A 374 -37.77 -10.48 29.84
N PRO A 375 -37.74 -10.99 29.17
CA PRO A 375 -36.65 -10.18 28.60
C PRO A 375 -35.84 -10.96 27.55
N THR A 376 -35.94 -9.53 27.34
CA THR A 376 -35.36 -8.62 26.35
C THR A 376 -33.85 -8.81 26.29
N SER A 377 -33.32 -9.10 25.10
CA SER A 377 -31.89 -9.28 24.98
C SER A 377 -31.18 -7.97 25.31
N THR A 378 -30.06 -8.08 26.00
CA THR A 378 -29.26 -6.93 26.41
C THR A 378 -29.04 -5.90 25.30
N THR A 379 -28.84 -6.37 24.07
CA THR A 379 -28.65 -5.46 22.95
C THR A 379 -29.96 -4.75 22.64
N GLU A 380 -31.07 -5.43 22.91
CA GLU A 380 -32.37 -4.82 22.68
C GLU A 380 -32.75 -3.91 23.83
N THR A 381 -32.28 -4.21 25.03
CA THR A 381 -32.61 -3.35 26.15
C THR A 381 -31.84 -2.04 25.96
N VAL A 382 -30.59 -2.15 25.51
CA VAL A 382 -29.79 -0.97 25.26
C VAL A 382 -30.34 -0.25 24.05
N ALA A 383 -30.91 -1.01 23.11
CA ALA A 383 -31.49 -0.44 21.90
C ALA A 383 -32.63 0.47 22.29
N ALA A 384 -33.66 -0.14 22.87
CA ALA A 384 -34.83 0.59 23.32
C ALA A 384 -34.41 1.75 24.20
N SER A 385 -33.56 1.48 25.19
CA SER A 385 -33.09 2.51 26.10
C SER A 385 -32.49 3.73 25.40
N ALA A 386 -31.59 3.51 24.46
CA ALA A 386 -30.97 4.63 23.76
C ALA A 386 -32.06 5.48 23.09
N VAL A 387 -32.97 4.82 22.40
CA VAL A 387 -34.06 5.51 21.71
C VAL A 387 -34.78 6.45 22.67
N ALA A 388 -35.08 5.95 23.85
CA ALA A 388 -35.77 6.73 24.86
C ALA A 388 -34.95 7.97 25.18
N ALA A 389 -33.64 7.79 25.28
CA ALA A 389 -32.72 8.88 25.58
C ALA A 389 -32.96 10.08 24.69
N VAL A 390 -32.95 9.85 23.38
CA VAL A 390 -33.16 10.91 22.41
C VAL A 390 -34.54 11.54 22.53
N PHE A 391 -35.54 10.75 22.91
CA PHE A 391 -36.90 11.26 23.07
C PHE A 391 -36.95 12.27 24.20
N GLU A 392 -36.10 12.07 25.19
CA GLU A 392 -36.03 12.97 26.34
C GLU A 392 -35.26 14.24 25.94
N GLN A 393 -33.94 14.09 25.76
CA GLN A 393 -33.03 15.19 25.40
C GLN A 393 -33.22 15.78 24.00
N LYS A 394 -34.18 15.24 23.24
CA LYS A 394 -34.43 15.72 21.88
C LYS A 394 -33.16 15.53 21.05
N ALA A 395 -32.54 14.37 21.18
CA ALA A 395 -31.32 14.06 20.46
C ALA A 395 -31.57 14.14 18.97
N LYS A 396 -30.53 14.50 18.22
CA LYS A 396 -30.60 14.64 16.77
C LYS A 396 -30.20 13.35 16.06
N ALA A 397 -29.25 12.62 16.64
CA ALA A 397 -28.80 11.39 16.03
C ALA A 397 -28.79 10.21 17.01
N ILE A 398 -27.94 9.22 16.74
CA ILE A 398 -27.82 8.05 17.59
C ILE A 398 -26.79 7.08 17.00
N ILE A 399 -25.55 7.55 16.95
CA ILE A 399 -24.44 6.77 16.41
C ILE A 399 -24.22 5.46 17.16
N VAL A 400 -24.19 4.37 16.41
CA VAL A 400 -23.97 3.04 16.97
C VAL A 400 -23.01 2.27 16.09
N LEU A 401 -21.97 1.72 16.70
CA LEU A 401 -20.98 0.95 15.98
C LEU A 401 -21.42 -0.51 15.94
N SER A 402 -21.23 -1.17 14.80
CA SER A 402 -21.65 -2.55 14.70
C SER A 402 -20.95 -3.26 13.56
N THR A 403 -21.25 -4.53 13.39
CA THR A 403 -20.68 -5.35 12.32
C THR A 403 -21.71 -6.38 11.88
N SER A 404 -22.60 -6.73 12.81
CA SER A 404 -23.65 -7.69 12.56
C SER A 404 -24.91 -6.98 12.08
N GLY A 405 -24.95 -5.67 12.29
CA GLY A 405 -26.11 -4.90 11.90
C GLY A 405 -27.22 -5.27 12.86
N THR A 406 -26.81 -5.79 14.00
CA THR A 406 -27.72 -6.22 15.05
C THR A 406 -28.14 -5.00 15.84
N THR A 407 -27.16 -4.37 16.46
CA THR A 407 -27.42 -3.19 17.27
C THR A 407 -28.21 -2.09 16.57
N PRO A 408 -27.90 -1.78 15.29
CA PRO A 408 -28.63 -0.72 14.58
C PRO A 408 -30.01 -1.19 14.11
N ARG A 409 -30.18 -2.49 13.94
CA ARG A 409 -31.46 -3.02 13.49
C ARG A 409 -32.44 -2.92 14.63
N LEU A 410 -31.99 -3.28 15.83
CA LEU A 410 -32.84 -3.24 17.02
C LEU A 410 -33.33 -1.83 17.35
N VAL A 411 -32.43 -0.86 17.30
CA VAL A 411 -32.79 0.53 17.57
C VAL A 411 -33.86 0.87 16.56
N SER A 412 -33.61 0.43 15.33
CA SER A 412 -34.52 0.64 14.22
C SER A 412 -35.89 0.18 14.66
N LYS A 413 -35.95 -1.05 15.20
CA LYS A 413 -37.18 -1.62 15.68
C LYS A 413 -37.91 -0.63 16.55
N TYR A 414 -37.14 0.14 17.33
CA TYR A 414 -37.70 1.13 18.22
C TYR A 414 -37.85 2.52 17.59
N ARG A 415 -37.83 2.51 16.26
CA ARG A 415 -38.03 3.67 15.42
C ARG A 415 -37.78 5.04 16.02
N PRO A 416 -36.51 5.44 16.16
CA PRO A 416 -36.25 6.76 16.72
C PRO A 416 -36.68 7.83 15.71
N ASN A 417 -36.89 9.07 16.17
CA ASN A 417 -37.28 10.14 15.26
C ASN A 417 -36.06 11.02 14.99
N CYS A 418 -34.96 10.35 14.70
CA CYS A 418 -33.67 10.98 14.40
C CYS A 418 -32.79 9.95 13.70
N PRO A 419 -31.86 10.42 12.84
CA PRO A 419 -30.95 9.54 12.10
C PRO A 419 -30.13 8.55 12.97
N ILE A 420 -30.08 7.28 12.53
CA ILE A 420 -29.33 6.24 13.24
C ILE A 420 -28.00 5.96 12.52
N ILE A 421 -26.98 6.73 12.88
CA ILE A 421 -25.65 6.61 12.27
C ILE A 421 -24.88 5.40 12.73
N LEU A 422 -24.77 4.42 11.84
CA LEU A 422 -24.06 3.19 12.13
C LEU A 422 -22.64 3.28 11.56
N VAL A 423 -21.64 3.28 12.44
CA VAL A 423 -20.24 3.32 12.03
C VAL A 423 -19.78 1.88 12.01
N THR A 424 -19.16 1.47 10.91
CA THR A 424 -18.72 0.09 10.77
C THR A 424 -17.42 -0.03 9.97
N ARG A 425 -16.77 -1.19 10.09
CA ARG A 425 -15.54 -1.48 9.37
C ARG A 425 -15.87 -2.54 8.33
N CYS A 426 -16.92 -3.31 8.59
CA CYS A 426 -17.36 -4.37 7.67
C CYS A 426 -18.10 -3.68 6.52
N PRO A 427 -17.63 -3.86 5.28
CA PRO A 427 -18.34 -3.19 4.20
C PRO A 427 -19.69 -3.82 3.94
N ARG A 428 -19.78 -5.13 4.10
CA ARG A 428 -21.02 -5.87 3.86
C ARG A 428 -22.22 -5.41 4.69
N ALA A 429 -22.01 -5.21 6.00
CA ALA A 429 -23.08 -4.78 6.88
C ALA A 429 -23.57 -3.39 6.52
N ALA A 430 -22.65 -2.56 6.07
CA ALA A 430 -22.97 -1.19 5.68
C ALA A 430 -23.83 -1.15 4.43
N ARG A 431 -23.80 -2.23 3.66
CA ARG A 431 -24.59 -2.29 2.45
C ARG A 431 -25.98 -2.85 2.75
N PHE A 432 -26.05 -3.95 3.48
CA PHE A 432 -27.35 -4.55 3.79
C PHE A 432 -28.09 -3.87 4.95
N SER A 433 -27.50 -2.84 5.51
CA SER A 433 -28.14 -2.15 6.63
C SER A 433 -29.19 -1.17 6.16
N HIS A 434 -29.33 -1.01 4.85
CA HIS A 434 -30.34 -0.11 4.33
C HIS A 434 -31.63 -0.90 4.39
N LEU A 435 -31.54 -2.09 4.96
CA LEU A 435 -32.70 -2.95 5.12
C LEU A 435 -33.54 -2.45 6.30
N TYR A 436 -32.84 -2.01 7.34
CA TYR A 436 -33.49 -1.50 8.55
C TYR A 436 -33.77 -0.02 8.44
N ARG A 437 -35.04 0.35 8.58
CA ARG A 437 -35.44 1.75 8.44
C ARG A 437 -34.75 2.77 9.33
N GLY A 438 -34.26 3.85 8.72
CA GLY A 438 -33.62 4.90 9.47
C GLY A 438 -32.13 4.80 9.63
N VAL A 439 -31.53 3.67 9.27
CA VAL A 439 -30.10 3.49 9.42
C VAL A 439 -29.28 4.09 8.29
N PHE A 440 -28.34 4.96 8.65
CA PHE A 440 -27.44 5.62 7.70
C PHE A 440 -26.04 5.05 7.91
N PRO A 441 -25.69 3.96 7.23
CA PRO A 441 -24.37 3.34 7.37
C PRO A 441 -23.25 4.12 6.73
N PHE A 442 -22.03 3.90 7.24
CA PHE A 442 -20.80 4.53 6.77
C PHE A 442 -19.67 3.56 7.08
N VAL A 443 -18.72 3.44 6.17
CA VAL A 443 -17.64 2.50 6.39
C VAL A 443 -16.37 3.18 6.85
N PHE A 444 -15.83 2.66 7.95
CA PHE A 444 -14.64 3.19 8.59
C PHE A 444 -13.58 2.08 8.70
N GLU A 445 -12.33 2.42 8.37
CA GLU A 445 -11.23 1.43 8.41
C GLU A 445 -10.07 1.75 9.37
N LYS A 446 -8.99 0.98 9.25
CA LYS A 446 -7.76 1.09 10.03
C LYS A 446 -7.69 0.04 11.13
N GLU A 447 -7.88 0.47 12.38
CA GLU A 447 -7.86 -0.38 13.58
C GLU A 447 -6.57 -0.30 14.41
N THR A 453 -10.81 -0.94 23.80
CA THR A 453 -11.87 -0.16 23.10
C THR A 453 -11.55 1.33 23.21
N ASP A 454 -10.29 1.67 23.43
CA ASP A 454 -9.90 3.08 23.57
C ASP A 454 -9.76 3.82 22.24
N ASP A 455 -10.33 3.25 21.18
CA ASP A 455 -10.27 3.83 19.85
C ASP A 455 -11.64 4.17 19.26
N VAL A 456 -12.70 3.59 19.81
CA VAL A 456 -14.04 3.85 19.28
C VAL A 456 -14.43 5.32 19.24
N GLU A 457 -13.71 6.16 19.99
CA GLU A 457 -13.99 7.59 20.01
C GLU A 457 -13.76 8.13 18.60
N ALA A 458 -12.83 7.52 17.90
CA ALA A 458 -12.52 7.93 16.55
C ALA A 458 -13.68 7.59 15.63
N ARG A 459 -14.14 6.34 15.71
CA ARG A 459 -15.26 5.87 14.89
C ARG A 459 -16.49 6.73 15.19
N ILE A 460 -16.61 7.14 16.44
CA ILE A 460 -17.73 7.97 16.85
C ILE A 460 -17.55 9.35 16.25
N ASN A 461 -16.30 9.73 15.99
CA ASN A 461 -16.05 11.03 15.40
C ASN A 461 -16.23 10.92 13.89
N PHE A 462 -16.22 9.68 13.39
CA PHE A 462 -16.41 9.47 11.96
C PHE A 462 -17.89 9.77 11.76
N GLY A 463 -18.74 9.01 12.45
CA GLY A 463 -20.17 9.20 12.34
C GLY A 463 -20.64 10.61 12.64
N ILE A 464 -20.02 11.27 13.61
CA ILE A 464 -20.44 12.62 13.99
C ILE A 464 -20.13 13.58 12.85
N GLU A 465 -18.89 13.54 12.37
CA GLU A 465 -18.47 14.40 11.28
C GLU A 465 -19.25 14.00 10.03
N LYS A 466 -19.44 12.69 9.86
CA LYS A 466 -20.18 12.15 8.72
C LYS A 466 -21.63 12.56 8.86
N ALA A 467 -22.04 12.79 10.11
CA ALA A 467 -23.41 13.22 10.37
C ALA A 467 -23.48 14.68 9.98
N LYS A 468 -22.46 15.43 10.35
CA LYS A 468 -22.37 16.86 10.05
C LYS A 468 -22.44 17.18 8.56
N GLU A 469 -21.85 16.33 7.73
CA GLU A 469 -21.87 16.55 6.30
C GLU A 469 -23.30 16.45 5.77
N PHE A 470 -24.12 15.68 6.47
CA PHE A 470 -25.52 15.51 6.13
C PHE A 470 -26.37 16.54 6.87
N GLY A 471 -25.68 17.42 7.59
CA GLY A 471 -26.37 18.45 8.33
C GLY A 471 -27.29 17.92 9.42
N ILE A 472 -26.97 16.74 9.95
CA ILE A 472 -27.77 16.12 11.00
C ILE A 472 -27.40 16.64 12.39
N LEU A 473 -26.15 17.06 12.56
CA LEU A 473 -25.70 17.59 13.85
C LEU A 473 -25.17 19.02 13.65
N LYS A 474 -25.43 19.88 14.62
CA LYS A 474 -25.01 21.26 14.51
C LYS A 474 -23.96 21.63 15.54
N LYS A 475 -23.44 20.64 16.25
CA LYS A 475 -22.41 20.89 17.28
C LYS A 475 -23.02 21.53 18.52
N GLY A 476 -22.87 20.86 19.65
CA GLY A 476 -23.46 21.38 20.86
C GLY A 476 -24.91 20.99 20.66
N ASP A 477 -25.09 19.82 20.05
CA ASP A 477 -26.42 19.31 19.80
C ASP A 477 -26.77 18.34 20.89
N THR A 478 -26.59 17.04 20.63
CA THR A 478 -26.90 16.00 21.61
C THR A 478 -27.13 14.70 20.89
N TYR A 479 -26.24 13.74 21.11
CA TYR A 479 -26.36 12.45 20.46
C TYR A 479 -26.18 11.35 21.48
N VAL A 480 -26.56 10.14 21.10
CA VAL A 480 -26.45 8.96 21.96
C VAL A 480 -25.64 7.90 21.22
N SER A 481 -24.62 7.35 21.86
CA SER A 481 -23.80 6.32 21.25
C SER A 481 -24.17 4.96 21.80
N ILE A 482 -23.63 3.91 21.18
CA ILE A 482 -23.89 2.56 21.64
C ILE A 482 -22.70 1.72 21.25
N GLN A 483 -22.25 0.88 22.19
CA GLN A 483 -21.09 0.02 22.01
C GLN A 483 -20.84 -0.76 23.28
N GLY A 484 -19.81 -1.59 23.27
CA GLY A 484 -19.47 -2.39 24.43
C GLY A 484 -18.50 -1.67 25.35
N ASN A 493 -22.31 -4.14 27.34
CA ASN A 493 -22.83 -3.13 26.36
C ASN A 493 -23.28 -1.84 27.01
N THR A 494 -22.46 -0.80 26.84
CA THR A 494 -22.74 0.51 27.40
C THR A 494 -23.88 1.20 26.68
N LEU A 495 -23.82 2.54 26.73
CA LEU A 495 -24.79 3.43 26.12
C LEU A 495 -24.26 4.83 26.49
N GLN A 496 -23.92 5.62 25.48
CA GLN A 496 -23.41 6.97 25.73
C GLN A 496 -24.50 8.00 25.54
N VAL A 497 -24.17 9.27 25.74
CA VAL A 497 -25.14 10.36 25.60
C VAL A 497 -24.47 11.74 25.62
N SER A 498 -23.21 11.78 25.18
CA SER A 498 -22.46 13.03 25.15
C SER A 498 -23.02 14.06 24.18
N THR A 499 -22.38 15.23 24.13
CA THR A 499 -22.75 16.33 23.26
C THR A 499 -21.78 16.50 22.07
N VAL A 500 -22.12 17.38 21.15
CA VAL A 500 -21.29 17.61 19.97
C VAL A 500 -20.30 18.73 20.19
N MET B 1 50.27 -7.55 25.94
CA MET B 1 51.51 -6.76 25.65
C MET B 1 52.53 -7.59 24.88
N SER B 2 52.50 -8.90 25.10
CA SER B 2 53.43 -9.80 24.45
C SER B 2 53.24 -9.73 22.94
N ARG B 3 53.77 -8.65 22.34
CA ARG B 3 53.68 -8.46 20.90
C ARG B 3 54.39 -9.61 20.24
N LEU B 4 55.53 -9.98 20.81
CA LEU B 4 56.32 -11.09 20.30
C LEU B 4 55.54 -12.41 20.46
N GLU B 5 54.84 -12.58 21.56
CA GLU B 5 54.09 -13.81 21.75
C GLU B 5 52.79 -13.72 20.96
N ARG B 6 52.42 -12.51 20.56
CA ARG B 6 51.22 -12.32 19.77
C ARG B 6 51.63 -12.70 18.36
N LEU B 7 52.81 -12.24 17.99
CA LEU B 7 53.38 -12.51 16.67
C LEU B 7 53.75 -13.98 16.52
N THR B 8 54.51 -14.51 17.46
CA THR B 8 54.90 -15.91 17.41
C THR B 8 53.71 -16.86 17.41
N SER B 9 52.52 -16.35 17.72
CA SER B 9 51.33 -17.17 17.80
C SER B 9 50.31 -16.93 16.70
N LEU B 10 50.62 -15.99 15.82
CA LEU B 10 49.73 -15.61 14.72
C LEU B 10 48.76 -16.69 14.20
N ASN B 11 49.11 -17.95 14.35
CA ASN B 11 48.25 -19.04 13.91
C ASN B 11 47.39 -18.62 12.71
N VAL B 12 48.03 -18.62 11.55
CA VAL B 12 47.43 -18.25 10.28
C VAL B 12 46.25 -19.13 9.86
N VAL B 13 45.86 -19.00 8.59
CA VAL B 13 44.73 -19.72 8.01
C VAL B 13 43.42 -19.02 8.34
N ALA B 14 42.79 -18.46 7.32
CA ALA B 14 41.53 -17.75 7.48
C ALA B 14 40.51 -18.70 8.13
N GLY B 15 40.01 -18.30 9.29
CA GLY B 15 39.07 -19.14 10.01
C GLY B 15 37.59 -18.80 9.82
N SER B 16 36.84 -18.91 10.92
CA SER B 16 35.41 -18.68 10.92
C SER B 16 34.93 -17.22 10.93
N ASP B 17 35.70 -16.33 11.53
CA ASP B 17 35.31 -14.93 11.60
C ASP B 17 35.04 -14.26 10.24
N LEU B 18 33.95 -13.51 10.17
CA LEU B 18 33.52 -12.80 8.96
C LEU B 18 34.36 -11.54 8.77
N ARG B 19 34.70 -11.23 7.52
CA ARG B 19 35.51 -10.04 7.26
C ARG B 19 34.81 -8.82 7.83
N ARG B 20 35.59 -7.96 8.46
CA ARG B 20 35.05 -6.76 9.08
C ARG B 20 35.37 -5.48 8.31
N THR B 21 36.36 -5.53 7.43
CA THR B 21 36.72 -4.33 6.67
C THR B 21 36.05 -4.29 5.29
N SER B 22 35.27 -3.23 5.06
CA SER B 22 34.55 -3.03 3.80
C SER B 22 35.48 -2.81 2.60
N ILE B 23 35.11 -3.40 1.46
CA ILE B 23 35.91 -3.32 0.25
C ILE B 23 35.38 -2.33 -0.80
N ILE B 24 36.09 -1.22 -0.98
CA ILE B 24 35.69 -0.19 -1.95
C ILE B 24 36.23 -0.55 -3.33
N GLY B 25 35.37 -0.48 -4.34
CA GLY B 25 35.77 -0.81 -5.70
C GLY B 25 35.28 0.13 -6.79
N THR B 26 36.23 0.73 -7.48
CA THR B 26 35.97 1.66 -8.60
C THR B 26 35.39 0.88 -9.78
N ILE B 27 34.46 1.49 -10.51
CA ILE B 27 33.86 0.80 -11.66
C ILE B 27 34.23 1.38 -13.01
N GLY B 28 34.62 0.51 -13.94
CA GLY B 28 34.98 0.95 -15.27
C GLY B 28 33.89 0.52 -16.24
N PRO B 29 34.03 0.87 -17.54
CA PRO B 29 33.03 0.49 -18.54
C PRO B 29 32.79 -1.00 -18.47
N LYS B 30 33.88 -1.77 -18.41
CA LYS B 30 33.76 -3.21 -18.33
C LYS B 30 32.81 -3.60 -17.22
N THR B 31 33.24 -3.29 -15.98
CA THR B 31 32.47 -3.60 -14.79
C THR B 31 31.08 -2.98 -14.71
N ASN B 32 30.76 -2.02 -15.58
CA ASN B 32 29.43 -1.40 -15.53
C ASN B 32 28.30 -2.21 -16.17
N ASN B 33 27.65 -3.04 -15.35
CA ASN B 33 26.53 -3.90 -15.75
C ASN B 33 26.15 -4.71 -14.50
N PRO B 34 24.85 -5.04 -14.34
CA PRO B 34 24.42 -5.80 -13.16
C PRO B 34 25.15 -7.14 -12.92
N GLU B 35 25.08 -8.06 -13.89
CA GLU B 35 25.72 -9.37 -13.75
C GLU B 35 27.09 -9.32 -13.06
N THR B 36 27.99 -8.51 -13.63
CA THR B 36 29.33 -8.35 -13.10
C THR B 36 29.23 -7.65 -11.76
N LEU B 37 28.51 -6.53 -11.73
CA LEU B 37 28.32 -5.75 -10.50
C LEU B 37 27.88 -6.68 -9.38
N VAL B 38 27.30 -7.82 -9.75
CA VAL B 38 26.84 -8.77 -8.75
C VAL B 38 27.96 -9.71 -8.32
N ALA B 39 28.57 -10.40 -9.28
CA ALA B 39 29.66 -11.31 -8.97
C ALA B 39 30.67 -10.55 -8.10
N LEU B 40 30.69 -9.24 -8.28
CA LEU B 40 31.58 -8.35 -7.55
C LEU B 40 31.10 -8.17 -6.13
N ARG B 41 29.83 -7.80 -6.00
CA ARG B 41 29.24 -7.60 -4.68
C ARG B 41 29.23 -8.92 -3.92
N LYS B 42 28.93 -10.02 -4.60
CA LYS B 42 28.90 -11.33 -3.97
C LYS B 42 30.27 -11.66 -3.41
N ALA B 43 31.31 -11.40 -4.19
CA ALA B 43 32.70 -11.69 -3.81
C ALA B 43 33.18 -10.84 -2.63
N GLY B 44 32.53 -9.71 -2.41
CA GLY B 44 32.92 -8.86 -1.30
C GLY B 44 32.74 -7.37 -1.49
N LEU B 45 32.51 -6.92 -2.73
CA LEU B 45 32.36 -5.49 -2.93
C LEU B 45 31.30 -4.95 -1.99
N ASN B 46 31.68 -3.89 -1.27
CA ASN B 46 30.77 -3.26 -0.33
C ASN B 46 30.29 -1.97 -0.95
N ILE B 47 31.25 -1.08 -1.18
CA ILE B 47 30.97 0.22 -1.75
C ILE B 47 31.49 0.31 -3.18
N VAL B 48 30.81 1.12 -3.99
CA VAL B 48 31.22 1.33 -5.36
C VAL B 48 31.73 2.76 -5.47
N ARG B 49 32.77 2.96 -6.25
CA ARG B 49 33.30 4.30 -6.44
C ARG B 49 33.34 4.65 -7.93
N MET B 50 32.94 5.88 -8.24
CA MET B 50 32.94 6.38 -9.60
C MET B 50 33.91 7.57 -9.69
N ASN B 51 35.01 7.39 -10.39
CA ASN B 51 35.99 8.46 -10.54
C ASN B 51 35.49 9.48 -11.54
N PHE B 52 35.13 10.66 -11.05
CA PHE B 52 34.62 11.71 -11.91
C PHE B 52 35.72 12.46 -12.66
N SER B 53 36.83 11.78 -12.89
CA SER B 53 37.94 12.36 -13.63
C SER B 53 37.68 12.17 -15.12
N HIS B 54 36.84 11.20 -15.46
CA HIS B 54 36.46 10.92 -16.83
C HIS B 54 35.02 10.49 -16.85
N GLY B 55 34.41 10.46 -18.04
CA GLY B 55 33.03 10.05 -18.17
C GLY B 55 31.98 11.14 -18.16
N SER B 56 30.96 10.97 -18.99
CA SER B 56 29.87 11.92 -19.07
C SER B 56 28.86 11.52 -18.02
N TYR B 57 27.96 12.44 -17.66
CA TYR B 57 26.96 12.11 -16.65
C TYR B 57 26.14 10.94 -17.17
N GLU B 58 26.26 10.69 -18.46
CA GLU B 58 25.57 9.56 -19.05
C GLU B 58 26.47 8.39 -18.68
N TYR B 59 27.78 8.58 -18.90
CA TYR B 59 28.82 7.61 -18.60
C TYR B 59 28.70 7.13 -17.14
N HIS B 60 28.23 8.01 -16.27
CA HIS B 60 28.10 7.72 -14.84
C HIS B 60 26.71 7.34 -14.36
N LYS B 61 25.72 8.17 -14.68
CA LYS B 61 24.36 7.88 -14.25
C LYS B 61 24.06 6.42 -14.54
N SER B 62 24.73 5.89 -15.56
CA SER B 62 24.59 4.50 -15.97
C SER B 62 25.00 3.61 -14.81
N VAL B 63 26.26 3.75 -14.41
CA VAL B 63 26.83 2.99 -13.31
C VAL B 63 25.89 2.86 -12.11
N ILE B 64 25.37 3.99 -11.65
CA ILE B 64 24.49 4.01 -10.48
C ILE B 64 23.28 3.07 -10.57
N ASP B 65 22.34 3.34 -11.49
CA ASP B 65 21.15 2.50 -11.57
C ASP B 65 21.47 1.09 -11.97
N ASN B 66 22.76 0.85 -12.23
CA ASN B 66 23.19 -0.49 -12.58
C ASN B 66 23.50 -1.18 -11.28
N ALA B 67 24.07 -0.42 -10.35
CA ALA B 67 24.39 -0.93 -9.04
C ALA B 67 23.05 -1.09 -8.35
N ARG B 68 22.21 -0.07 -8.48
CA ARG B 68 20.86 -0.07 -7.92
C ARG B 68 20.17 -1.29 -8.51
N LYS B 69 20.56 -1.60 -9.74
CA LYS B 69 20.01 -2.74 -10.45
C LYS B 69 20.51 -4.03 -9.84
N SER B 70 21.78 -4.08 -9.45
CA SER B 70 22.34 -5.28 -8.85
C SER B 70 21.64 -5.48 -7.52
N GLU B 71 21.26 -4.38 -6.87
CA GLU B 71 20.56 -4.44 -5.60
C GLU B 71 19.22 -5.12 -5.84
N GLU B 72 18.58 -4.80 -6.96
CA GLU B 72 17.30 -5.41 -7.32
C GLU B 72 17.49 -6.90 -7.57
N LEU B 73 18.30 -7.26 -8.56
CA LEU B 73 18.54 -8.67 -8.89
C LEU B 73 18.79 -9.50 -7.65
N TYR B 74 19.50 -8.92 -6.69
CA TYR B 74 19.79 -9.59 -5.43
C TYR B 74 20.44 -8.60 -4.47
N PRO B 75 19.65 -8.11 -3.49
CA PRO B 75 20.05 -7.14 -2.47
C PRO B 75 21.36 -7.45 -1.75
N GLY B 76 21.45 -8.66 -1.19
CA GLY B 76 22.64 -9.05 -0.45
C GLY B 76 22.94 -7.95 0.54
N ARG B 77 24.19 -7.55 0.62
CA ARG B 77 24.56 -6.47 1.52
C ARG B 77 24.17 -5.15 0.86
N PRO B 78 23.68 -4.18 1.65
CA PRO B 78 23.31 -2.91 1.03
C PRO B 78 24.56 -2.32 0.43
N LEU B 79 24.46 -1.80 -0.78
CA LEU B 79 25.62 -1.21 -1.44
C LEU B 79 25.59 0.30 -1.38
N ALA B 80 26.76 0.92 -1.52
CA ALA B 80 26.88 2.37 -1.46
C ALA B 80 27.62 2.95 -2.64
N ILE B 81 26.99 3.96 -3.25
CA ILE B 81 27.53 4.69 -4.40
C ILE B 81 28.35 5.84 -3.84
N ALA B 82 29.43 6.20 -4.52
CA ALA B 82 30.26 7.29 -4.03
C ALA B 82 30.92 8.07 -5.16
N LEU B 83 30.72 9.38 -5.17
CA LEU B 83 31.30 10.26 -6.18
C LEU B 83 32.75 10.63 -5.80
N ASP B 84 33.64 10.60 -6.77
CA ASP B 84 35.04 10.92 -6.51
C ASP B 84 35.56 12.07 -7.35
N THR B 85 35.31 13.27 -6.85
CA THR B 85 35.71 14.53 -7.45
C THR B 85 36.91 14.45 -8.40
N LYS B 86 36.80 15.16 -9.52
CA LYS B 86 37.86 15.27 -10.51
C LYS B 86 38.51 16.56 -10.04
N GLY B 87 39.19 16.49 -8.90
CA GLY B 87 39.78 17.68 -8.31
C GLY B 87 40.60 18.54 -9.24
N PRO B 88 41.12 19.68 -8.75
CA PRO B 88 41.93 20.59 -9.55
C PRO B 88 43.26 19.97 -9.98
N GLU B 89 43.22 19.23 -11.08
CA GLU B 89 44.42 18.59 -11.60
C GLU B 89 45.02 19.39 -12.76
N ILE B 90 46.10 18.87 -13.35
CA ILE B 90 46.75 19.58 -14.45
C ILE B 90 47.02 18.76 -15.68
N ARG B 91 46.22 19.05 -16.67
CA ARG B 91 46.36 18.37 -17.93
C ARG B 91 47.09 19.23 -18.94
N THR B 92 48.26 18.76 -19.36
CA THR B 92 49.07 19.46 -20.34
C THR B 92 48.34 19.50 -21.68
N GLY B 93 48.76 20.40 -22.57
CA GLY B 93 48.12 20.50 -23.87
C GLY B 93 48.29 19.26 -24.74
N THR B 94 47.86 19.36 -26.00
CA THR B 94 47.97 18.25 -26.94
C THR B 94 49.12 18.44 -27.93
N THR B 95 49.66 17.33 -28.45
CA THR B 95 50.75 17.41 -29.40
C THR B 95 50.22 17.67 -30.80
N THR B 96 50.76 18.73 -31.41
CA THR B 96 50.37 19.18 -32.76
C THR B 96 49.70 18.16 -33.67
N ASN B 97 50.50 17.46 -34.46
CA ASN B 97 49.99 16.45 -35.39
C ASN B 97 49.43 15.27 -34.61
N ASP B 98 48.40 15.52 -33.81
CA ASP B 98 47.78 14.47 -33.03
C ASP B 98 48.83 13.76 -32.17
N VAL B 99 48.78 12.44 -32.17
CA VAL B 99 49.68 11.60 -31.38
C VAL B 99 51.18 11.76 -31.61
N ASP B 100 51.63 12.91 -32.10
CA ASP B 100 53.07 13.06 -32.31
C ASP B 100 53.72 13.12 -30.93
N TYR B 101 54.85 12.43 -30.78
CA TYR B 101 55.52 12.40 -29.49
C TYR B 101 57.01 12.74 -29.55
N PRO B 102 57.35 14.03 -29.58
CA PRO B 102 58.75 14.48 -29.63
C PRO B 102 59.46 13.96 -28.38
N ILE B 103 60.75 13.69 -28.49
CA ILE B 103 61.50 13.16 -27.34
C ILE B 103 62.56 14.05 -26.73
N PRO B 104 62.28 14.61 -25.53
CA PRO B 104 63.30 15.45 -24.90
C PRO B 104 64.29 14.50 -24.25
N PRO B 105 65.59 14.78 -24.38
CA PRO B 105 66.60 13.90 -23.79
C PRO B 105 67.04 14.35 -22.41
N ASN B 106 67.20 15.66 -22.27
CA ASN B 106 67.64 16.29 -21.02
C ASN B 106 67.92 17.73 -21.41
N HIS B 107 67.07 18.24 -22.30
CA HIS B 107 67.23 19.58 -22.84
C HIS B 107 66.41 20.65 -22.15
N GLU B 108 66.65 21.89 -22.55
CA GLU B 108 65.94 23.04 -22.03
C GLU B 108 64.79 23.31 -23.00
N MET B 109 63.63 23.74 -22.48
CA MET B 109 62.50 24.08 -23.33
C MET B 109 61.64 25.14 -22.66
N ILE B 110 60.31 25.11 -22.82
CA ILE B 110 59.51 26.16 -22.21
C ILE B 110 58.02 25.87 -22.10
N PHE B 111 57.53 25.83 -20.88
CA PHE B 111 56.12 25.58 -20.67
C PHE B 111 55.40 26.91 -20.67
N THR B 112 54.20 26.92 -21.24
CA THR B 112 53.40 28.12 -21.34
C THR B 112 51.93 27.79 -21.13
N THR B 113 51.16 28.83 -20.84
CA THR B 113 49.73 28.69 -20.61
C THR B 113 48.98 29.71 -21.47
N ASP B 114 49.07 29.56 -22.78
CA ASP B 114 48.41 30.50 -23.69
C ASP B 114 47.18 29.99 -24.41
N ASP B 115 47.05 28.66 -24.54
CA ASP B 115 45.91 28.06 -25.23
C ASP B 115 46.01 28.23 -26.73
N LYS B 116 46.86 29.15 -27.17
CA LYS B 116 47.09 29.39 -28.58
C LYS B 116 47.86 28.18 -29.09
N TYR B 117 48.53 27.52 -28.14
CA TYR B 117 49.33 26.33 -28.38
C TYR B 117 48.69 25.11 -27.74
N ALA B 118 47.47 25.29 -27.23
CA ALA B 118 46.73 24.21 -26.60
C ALA B 118 46.80 22.95 -27.47
N LYS B 119 46.02 22.97 -28.53
CA LYS B 119 45.96 21.83 -29.46
C LYS B 119 47.26 21.67 -30.25
N ALA B 120 47.99 22.78 -30.39
CA ALA B 120 49.24 22.79 -31.14
C ALA B 120 50.44 23.06 -30.25
N CYS B 121 50.95 22.02 -29.62
CA CYS B 121 52.08 22.16 -28.72
C CYS B 121 52.95 20.90 -28.64
N ASP B 122 54.27 21.10 -28.59
CA ASP B 122 55.23 20.00 -28.46
C ASP B 122 56.69 20.41 -28.65
N ASP B 123 57.56 19.62 -28.06
CA ASP B 123 59.01 19.79 -28.12
C ASP B 123 59.57 21.17 -27.75
N LYS B 124 59.10 22.20 -28.45
CA LYS B 124 59.56 23.56 -28.23
C LYS B 124 58.86 24.22 -27.04
N ILE B 125 57.54 24.08 -27.02
CA ILE B 125 56.71 24.65 -25.97
C ILE B 125 55.78 23.59 -25.38
N MET B 126 55.07 23.96 -24.31
CA MET B 126 54.14 23.07 -23.66
C MET B 126 53.00 23.83 -23.03
N TYR B 127 51.79 23.33 -23.21
CA TYR B 127 50.63 23.97 -22.63
C TYR B 127 50.29 23.28 -21.30
N VAL B 128 49.73 24.06 -20.38
CA VAL B 128 49.31 23.59 -19.05
C VAL B 128 48.02 24.37 -18.75
N ASP B 129 46.94 23.69 -18.41
CA ASP B 129 45.68 24.38 -18.14
C ASP B 129 45.55 25.10 -16.80
N TYR B 130 46.64 25.20 -16.05
CA TYR B 130 46.64 25.90 -14.76
C TYR B 130 47.22 27.29 -15.00
N LYS B 131 46.35 28.22 -15.36
CA LYS B 131 46.78 29.57 -15.67
C LYS B 131 47.63 30.30 -14.62
N ASN B 132 47.69 29.79 -13.40
CA ASN B 132 48.46 30.46 -12.34
C ASN B 132 49.81 29.91 -11.93
N ILE B 133 50.11 28.67 -12.32
CA ILE B 133 51.39 28.05 -11.97
C ILE B 133 52.52 29.07 -11.98
N THR B 134 52.52 29.95 -12.98
CA THR B 134 53.52 30.99 -13.11
C THR B 134 53.65 31.83 -11.82
N LYS B 135 52.56 31.96 -11.08
CA LYS B 135 52.57 32.73 -9.85
C LYS B 135 52.97 31.84 -8.68
N VAL B 136 52.28 30.70 -8.56
CA VAL B 136 52.53 29.76 -7.50
C VAL B 136 53.85 29.02 -7.65
N ILE B 137 54.42 29.03 -8.87
CA ILE B 137 55.69 28.34 -9.11
C ILE B 137 56.91 29.26 -8.97
N SER B 138 58.07 28.67 -8.69
CA SER B 138 59.32 29.45 -8.54
C SER B 138 60.57 28.72 -9.03
N ALA B 139 61.40 29.43 -9.78
CA ALA B 139 62.63 28.86 -10.32
C ALA B 139 63.35 27.98 -9.31
N GLY B 140 63.57 26.72 -9.67
CA GLY B 140 64.21 25.78 -8.79
C GLY B 140 63.25 24.63 -8.55
N ARG B 141 61.96 24.95 -8.59
CA ARG B 141 60.90 23.97 -8.39
C ARG B 141 61.09 22.87 -9.43
N ILE B 142 60.52 21.70 -9.16
CA ILE B 142 60.62 20.58 -10.11
C ILE B 142 59.25 20.01 -10.49
N ILE B 143 58.81 20.33 -11.69
CA ILE B 143 57.52 19.88 -12.21
C ILE B 143 57.63 18.41 -12.63
N TYR B 144 56.52 17.68 -12.59
CA TYR B 144 56.48 16.27 -13.00
C TYR B 144 55.40 16.09 -14.07
N VAL B 145 55.64 15.19 -15.03
CA VAL B 145 54.68 14.97 -16.10
C VAL B 145 54.31 13.49 -16.30
N ASP B 146 53.00 13.24 -16.36
CA ASP B 146 52.45 11.90 -16.54
C ASP B 146 53.00 10.90 -15.53
N ASP B 147 52.23 10.64 -14.47
CA ASP B 147 52.64 9.74 -13.38
C ASP B 147 54.10 10.03 -12.98
N GLY B 148 54.44 11.31 -12.97
CA GLY B 148 55.77 11.74 -12.61
C GLY B 148 56.90 11.03 -13.33
N VAL B 149 56.65 10.55 -14.55
CA VAL B 149 57.67 9.86 -15.33
C VAL B 149 58.73 10.86 -15.79
N LEU B 150 58.34 12.12 -15.91
CA LEU B 150 59.24 13.18 -16.35
C LEU B 150 59.43 14.27 -15.30
N SER B 151 60.61 14.88 -15.29
CA SER B 151 60.94 15.95 -14.36
C SER B 151 61.33 17.22 -15.12
N PHE B 152 61.12 18.38 -14.50
CA PHE B 152 61.44 19.64 -15.16
C PHE B 152 61.92 20.76 -14.22
N GLN B 153 63.23 20.82 -13.98
CA GLN B 153 63.77 21.85 -13.10
C GLN B 153 63.39 23.23 -13.61
N VAL B 154 62.59 23.97 -12.83
CA VAL B 154 62.18 25.31 -13.24
C VAL B 154 63.41 26.19 -13.36
N LEU B 155 63.85 26.44 -14.59
CA LEU B 155 65.03 27.27 -14.83
C LEU B 155 64.73 28.74 -14.59
N GLU B 156 63.66 29.24 -15.20
CA GLU B 156 63.29 30.64 -15.05
C GLU B 156 61.81 30.84 -15.23
N VAL B 157 61.41 32.10 -15.14
CA VAL B 157 60.02 32.50 -15.29
C VAL B 157 59.92 33.60 -16.34
N VAL B 158 59.69 33.19 -17.57
CA VAL B 158 59.57 34.14 -18.68
C VAL B 158 58.16 34.70 -18.75
N ASP B 159 58.07 36.00 -18.97
CA ASP B 159 56.77 36.66 -19.04
C ASP B 159 56.02 36.28 -17.77
N ASP B 160 54.78 35.85 -17.94
CA ASP B 160 53.93 35.44 -16.82
C ASP B 160 52.95 34.40 -17.36
N LYS B 161 53.36 33.79 -18.46
CA LYS B 161 52.60 32.76 -19.14
C LYS B 161 53.67 31.80 -19.65
N THR B 162 54.91 32.25 -19.51
CA THR B 162 56.07 31.50 -19.95
C THR B 162 56.93 31.02 -18.77
N LEU B 163 57.54 29.85 -18.93
CA LEU B 163 58.39 29.26 -17.89
C LEU B 163 59.54 28.53 -18.55
N LYS B 164 60.75 29.06 -18.36
CA LYS B 164 61.93 28.42 -18.91
C LYS B 164 62.15 27.14 -18.08
N VAL B 165 62.33 26.00 -18.73
CA VAL B 165 62.49 24.73 -18.02
C VAL B 165 63.47 23.74 -18.69
N LYS B 166 63.90 22.73 -17.93
CA LYS B 166 64.81 21.71 -18.45
C LYS B 166 64.39 20.31 -18.00
N ALA B 167 64.32 19.38 -18.94
CA ALA B 167 63.95 18.02 -18.62
C ALA B 167 65.06 17.45 -17.76
N LEU B 168 64.72 17.08 -16.52
CA LEU B 168 65.71 16.53 -15.60
C LEU B 168 65.99 15.08 -15.97
N ASN B 169 65.15 14.52 -16.85
CA ASN B 169 65.29 13.14 -17.34
C ASN B 169 64.70 12.95 -18.74
N ALA B 170 65.00 11.82 -19.37
CA ALA B 170 64.52 11.52 -20.72
C ALA B 170 63.02 11.24 -20.87
N GLY B 171 62.66 10.58 -21.96
CA GLY B 171 61.27 10.26 -22.24
C GLY B 171 60.76 11.06 -23.43
N LYS B 172 59.62 10.67 -23.96
CA LYS B 172 59.03 11.38 -25.09
C LYS B 172 57.79 12.16 -24.63
N ILE B 173 57.70 13.43 -25.03
CA ILE B 173 56.57 14.26 -24.64
C ILE B 173 55.30 13.93 -25.43
N CYS B 174 54.27 13.51 -24.70
CA CYS B 174 52.97 13.14 -25.27
C CYS B 174 51.91 14.23 -25.01
N SER B 175 50.65 13.91 -25.30
CA SER B 175 49.59 14.89 -25.10
C SER B 175 48.76 14.52 -23.88
N HIS B 176 47.97 15.50 -23.41
CA HIS B 176 47.08 15.36 -22.25
C HIS B 176 47.48 14.35 -21.17
N LYS B 177 48.32 14.80 -20.26
CA LYS B 177 48.80 13.98 -19.14
C LYS B 177 48.85 14.89 -17.89
N GLY B 178 48.69 14.28 -16.71
CA GLY B 178 48.67 15.05 -15.48
C GLY B 178 49.99 15.65 -15.02
N VAL B 179 49.94 16.93 -14.64
CA VAL B 179 51.10 17.67 -14.13
C VAL B 179 51.08 17.77 -12.61
N ASN B 180 52.16 17.34 -11.98
CA ASN B 180 52.27 17.36 -10.52
C ASN B 180 53.22 18.44 -10.02
N LEU B 181 52.77 19.20 -9.02
CA LEU B 181 53.60 20.26 -8.48
C LEU B 181 54.16 19.96 -7.09
N PRO B 182 55.22 19.14 -7.00
CA PRO B 182 55.82 18.81 -5.71
C PRO B 182 56.41 20.04 -5.02
N GLY B 183 55.82 20.41 -3.88
CA GLY B 183 56.30 21.54 -3.11
C GLY B 183 55.86 22.92 -3.58
N THR B 184 54.62 22.99 -4.09
CA THR B 184 54.10 24.26 -4.57
C THR B 184 52.67 24.46 -4.08
N ASP B 185 52.46 25.50 -3.29
CA ASP B 185 51.15 25.85 -2.75
C ASP B 185 50.22 26.20 -3.90
N VAL B 186 49.39 25.26 -4.30
CA VAL B 186 48.47 25.52 -5.40
C VAL B 186 47.26 26.21 -4.79
N ASP B 187 46.74 27.21 -5.49
CA ASP B 187 45.59 27.95 -5.00
C ASP B 187 44.33 27.48 -5.69
N LEU B 188 44.48 26.41 -6.46
CA LEU B 188 43.35 25.90 -7.19
C LEU B 188 42.27 25.51 -6.26
N PRO B 189 41.05 25.85 -6.66
CA PRO B 189 40.05 25.45 -5.70
C PRO B 189 39.92 23.93 -5.65
N ALA B 190 39.89 23.40 -4.44
CA ALA B 190 39.72 21.97 -4.24
C ALA B 190 38.52 21.61 -5.10
N LEU B 191 37.60 22.56 -5.21
CA LEU B 191 36.40 22.37 -6.02
C LEU B 191 36.39 23.41 -7.14
N SER B 192 35.95 23.00 -8.32
CA SER B 192 35.86 23.89 -9.46
C SER B 192 34.40 24.14 -9.79
N GLU B 193 34.14 24.96 -10.81
CA GLU B 193 32.77 25.25 -11.20
C GLU B 193 32.02 23.98 -11.62
N LYS B 194 32.72 23.07 -12.30
CA LYS B 194 32.13 21.81 -12.74
C LYS B 194 31.94 20.87 -11.55
N ASP B 195 32.96 20.77 -10.70
CA ASP B 195 32.90 19.90 -9.52
C ASP B 195 31.68 20.23 -8.70
N LYS B 196 31.35 21.52 -8.63
CA LYS B 196 30.19 21.94 -7.88
C LYS B 196 28.97 21.26 -8.50
N GLU B 197 29.02 21.07 -9.83
CA GLU B 197 27.94 20.43 -10.59
C GLU B 197 27.92 18.92 -10.42
N ASP B 198 29.11 18.29 -10.43
CA ASP B 198 29.20 16.86 -10.25
C ASP B 198 28.64 16.46 -8.89
N LEU B 199 28.95 17.25 -7.86
CA LEU B 199 28.46 17.00 -6.52
C LEU B 199 26.94 17.10 -6.58
N ARG B 200 26.47 18.27 -6.96
CA ARG B 200 25.04 18.53 -7.10
C ARG B 200 24.33 17.44 -7.92
N PHE B 201 25.05 16.90 -8.90
CA PHE B 201 24.52 15.83 -9.75
C PHE B 201 24.44 14.56 -8.91
N GLY B 202 25.46 14.35 -8.08
CA GLY B 202 25.51 13.19 -7.22
C GLY B 202 24.45 13.25 -6.12
N VAL B 203 24.38 14.39 -5.43
CA VAL B 203 23.38 14.58 -4.38
C VAL B 203 22.02 14.18 -4.92
N LYS B 204 21.63 14.85 -6.01
CA LYS B 204 20.38 14.59 -6.70
C LYS B 204 20.23 13.10 -6.95
N ASN B 205 21.29 12.50 -7.50
CA ASN B 205 21.30 11.07 -7.81
C ASN B 205 21.50 10.15 -6.60
N GLY B 206 21.42 10.74 -5.41
CA GLY B 206 21.54 9.99 -4.17
C GLY B 206 22.76 9.14 -3.88
N VAL B 207 23.95 9.67 -4.17
CA VAL B 207 25.19 8.94 -3.87
C VAL B 207 25.47 9.29 -2.40
N HIS B 208 25.86 8.30 -1.61
CA HIS B 208 26.09 8.51 -0.18
C HIS B 208 27.34 9.22 0.29
N MET B 209 28.43 9.14 -0.48
CA MET B 209 29.68 9.78 -0.08
C MET B 209 30.15 10.81 -1.08
N VAL B 210 31.43 11.12 -0.99
CA VAL B 210 32.16 12.04 -1.86
C VAL B 210 33.59 11.95 -1.39
N PHE B 211 34.53 11.80 -2.31
CA PHE B 211 35.94 11.71 -1.95
C PHE B 211 36.60 12.92 -2.60
N ALA B 212 36.53 14.07 -1.95
CA ALA B 212 37.12 15.28 -2.53
C ALA B 212 38.63 15.15 -2.76
N SER B 213 39.03 15.10 -4.03
CA SER B 213 40.45 14.96 -4.35
C SER B 213 41.19 16.24 -4.04
N PHE B 214 42.50 16.11 -3.87
CA PHE B 214 43.39 17.23 -3.61
C PHE B 214 42.99 18.26 -2.56
N ILE B 215 42.57 17.82 -1.37
CA ILE B 215 42.19 18.77 -0.32
C ILE B 215 43.45 19.35 0.33
N ARG B 216 43.47 20.66 0.50
CA ARG B 216 44.64 21.30 1.09
C ARG B 216 44.35 21.88 2.48
N THR B 217 43.14 22.39 2.69
CA THR B 217 42.80 22.95 4.00
C THR B 217 41.36 22.76 4.47
N ALA B 218 41.11 23.05 5.74
CA ALA B 218 39.80 22.90 6.34
C ALA B 218 38.69 23.62 5.56
N ASN B 219 38.96 24.87 5.13
CA ASN B 219 37.96 25.63 4.37
C ASN B 219 37.46 24.77 3.23
N ASP B 220 38.38 24.21 2.46
CA ASP B 220 38.03 23.35 1.34
C ASP B 220 36.94 22.37 1.72
N VAL B 221 37.02 21.84 2.94
CA VAL B 221 36.03 20.89 3.42
C VAL B 221 34.73 21.63 3.69
N LEU B 222 34.85 22.71 4.44
CA LEU B 222 33.71 23.52 4.79
C LEU B 222 32.93 23.89 3.52
N THR B 223 33.68 24.21 2.46
CA THR B 223 33.17 24.61 1.15
C THR B 223 32.37 23.52 0.46
N ILE B 224 32.93 22.32 0.43
CA ILE B 224 32.29 21.19 -0.22
C ILE B 224 31.13 20.71 0.66
N ARG B 225 31.09 21.22 1.89
CA ARG B 225 30.02 20.85 2.81
C ARG B 225 28.78 21.65 2.46
N GLU B 226 28.96 22.93 2.18
CA GLU B 226 27.85 23.82 1.82
C GLU B 226 27.45 23.66 0.35
N VAL B 227 28.43 23.39 -0.51
CA VAL B 227 28.15 23.20 -1.92
C VAL B 227 27.23 22.00 -2.01
N LEU B 228 27.47 21.03 -1.14
CA LEU B 228 26.66 19.83 -1.09
C LEU B 228 25.23 20.28 -0.81
N GLY B 229 25.10 21.23 0.10
CA GLY B 229 23.79 21.77 0.42
C GLY B 229 23.00 21.03 1.47
N GLU B 230 21.83 21.60 1.79
CA GLU B 230 20.93 21.05 2.79
C GLU B 230 20.52 19.62 2.44
N GLN B 231 20.27 19.38 1.16
CA GLN B 231 19.86 18.07 0.67
C GLN B 231 20.99 17.05 0.78
N GLY B 232 22.21 17.56 0.96
CA GLY B 232 23.37 16.68 1.06
C GLY B 232 24.06 16.69 2.42
N LYS B 233 23.32 17.09 3.45
CA LYS B 233 23.87 17.13 4.80
C LYS B 233 24.20 15.72 5.28
N ASP B 234 23.33 14.80 4.91
CA ASP B 234 23.44 13.39 5.27
C ASP B 234 24.49 12.61 4.47
N VAL B 235 25.22 13.26 3.58
CA VAL B 235 26.24 12.57 2.80
C VAL B 235 27.62 12.84 3.38
N LYS B 236 28.52 11.87 3.28
CA LYS B 236 29.85 11.96 3.83
C LYS B 236 30.97 12.56 2.99
N ILE B 237 31.79 13.40 3.63
CA ILE B 237 32.90 14.06 2.99
C ILE B 237 34.16 13.33 3.37
N ILE B 238 34.71 12.58 2.43
CA ILE B 238 35.92 11.82 2.66
C ILE B 238 37.12 12.50 2.05
N VAL B 239 37.75 13.36 2.84
CA VAL B 239 38.93 14.10 2.43
C VAL B 239 40.00 13.20 1.83
N LYS B 240 40.62 13.67 0.74
CA LYS B 240 41.64 12.89 0.07
C LYS B 240 42.97 13.59 0.27
N ILE B 241 43.86 12.94 1.00
CA ILE B 241 45.17 13.51 1.27
C ILE B 241 46.15 13.01 0.21
N GLU B 242 46.55 13.91 -0.69
CA GLU B 242 47.47 13.56 -1.77
C GLU B 242 48.55 14.62 -2.05
N ASN B 243 48.76 15.54 -1.12
CA ASN B 243 49.79 16.56 -1.28
C ASN B 243 50.32 17.02 0.08
N GLN B 244 51.36 17.85 0.07
CA GLN B 244 51.98 18.33 1.30
C GLN B 244 51.05 19.27 2.03
N GLN B 245 50.35 20.10 1.26
CA GLN B 245 49.43 21.06 1.85
C GLN B 245 48.39 20.30 2.67
N GLY B 246 48.06 19.10 2.23
CA GLY B 246 47.07 18.31 2.94
C GLY B 246 47.61 17.55 4.14
N VAL B 247 48.93 17.42 4.24
CA VAL B 247 49.53 16.72 5.36
C VAL B 247 49.99 17.75 6.38
N ASN B 248 50.69 18.77 5.89
CA ASN B 248 51.19 19.84 6.74
C ASN B 248 49.98 20.61 7.25
N ASN B 249 48.85 19.94 7.41
CA ASN B 249 47.63 20.58 7.87
C ASN B 249 46.57 19.60 8.31
N PHE B 250 46.78 18.33 8.01
CA PHE B 250 45.83 17.26 8.34
C PHE B 250 45.04 17.44 9.62
N ASP B 251 45.73 17.78 10.71
CA ASP B 251 45.12 17.94 12.00
C ASP B 251 43.98 18.92 12.06
N GLU B 252 44.14 20.09 11.47
CA GLU B 252 43.04 21.05 11.49
C GLU B 252 41.94 20.61 10.54
N ILE B 253 42.31 19.84 9.52
CA ILE B 253 41.36 19.32 8.53
C ILE B 253 40.56 18.17 9.11
N LEU B 254 41.25 17.29 9.83
CA LEU B 254 40.64 16.12 10.44
C LEU B 254 39.47 16.56 11.30
N LYS B 255 39.64 17.71 11.94
CA LYS B 255 38.60 18.27 12.80
C LYS B 255 37.22 18.21 12.17
N VAL B 256 37.00 19.09 11.21
CA VAL B 256 35.73 19.24 10.51
C VAL B 256 35.23 18.15 9.56
N THR B 257 36.12 17.30 9.05
CA THR B 257 35.69 16.26 8.13
C THR B 257 34.99 15.06 8.76
N ASP B 258 34.39 14.23 7.90
CA ASP B 258 33.68 13.03 8.33
C ASP B 258 34.66 11.89 8.28
N GLY B 259 35.44 11.85 7.22
CA GLY B 259 36.42 10.80 7.03
C GLY B 259 37.69 11.32 6.38
N VAL B 260 38.54 10.38 5.93
CA VAL B 260 39.80 10.73 5.30
C VAL B 260 40.32 9.56 4.49
N MET B 261 40.86 9.82 3.32
CA MET B 261 41.40 8.74 2.52
C MET B 261 42.82 9.03 2.12
N VAL B 262 43.67 8.04 2.34
CA VAL B 262 45.07 8.19 1.98
C VAL B 262 45.14 7.98 0.47
N ALA B 263 44.95 9.09 -0.24
CA ALA B 263 45.01 9.09 -1.70
C ALA B 263 46.45 8.79 -2.05
N ARG B 264 46.84 7.54 -1.92
CA ARG B 264 48.20 7.14 -2.21
C ARG B 264 48.73 7.65 -3.55
N GLY B 265 48.00 7.37 -4.64
CA GLY B 265 48.40 7.79 -5.99
C GLY B 265 49.22 9.07 -6.12
N ASP B 266 48.56 10.21 -6.23
CA ASP B 266 49.27 11.47 -6.34
C ASP B 266 50.19 11.67 -5.13
N LEU B 267 49.68 11.41 -3.93
CA LEU B 267 50.47 11.55 -2.72
C LEU B 267 51.88 11.00 -2.91
N GLY B 268 51.97 9.83 -3.55
CA GLY B 268 53.26 9.21 -3.81
C GLY B 268 54.04 9.97 -4.87
N ILE B 269 53.33 10.75 -5.67
CA ILE B 269 53.97 11.55 -6.71
C ILE B 269 54.29 12.91 -6.08
N GLU B 270 53.32 13.43 -5.35
CA GLU B 270 53.46 14.71 -4.68
C GLU B 270 54.71 14.76 -3.85
N ILE B 271 54.76 13.91 -2.84
CA ILE B 271 55.91 13.85 -1.93
C ILE B 271 56.73 12.61 -2.21
N PRO B 272 57.93 12.50 -1.62
CA PRO B 272 58.78 11.32 -1.82
C PRO B 272 58.02 10.00 -1.62
N ALA B 273 58.34 9.01 -2.46
CA ALA B 273 57.69 7.70 -2.42
C ALA B 273 57.88 6.97 -1.10
N PRO B 274 59.14 6.86 -0.64
CA PRO B 274 59.39 6.17 0.63
C PRO B 274 58.65 6.83 1.81
N GLU B 275 58.56 8.15 1.79
CA GLU B 275 57.89 8.89 2.84
C GLU B 275 56.49 8.38 3.16
N VAL B 276 55.76 7.98 2.11
CA VAL B 276 54.41 7.48 2.26
C VAL B 276 54.28 6.52 3.41
N LEU B 277 55.10 5.46 3.38
CA LEU B 277 55.08 4.43 4.41
C LEU B 277 54.72 4.98 5.80
N ALA B 278 55.44 6.02 6.22
CA ALA B 278 55.17 6.63 7.51
C ALA B 278 53.98 7.60 7.38
N VAL B 279 53.94 8.36 6.29
CA VAL B 279 52.86 9.31 6.09
C VAL B 279 51.52 8.61 5.91
N GLN B 280 51.54 7.29 5.89
CA GLN B 280 50.31 6.51 5.73
C GLN B 280 49.78 6.15 7.11
N LYS B 281 50.57 5.34 7.81
CA LYS B 281 50.26 4.87 9.15
C LYS B 281 49.97 6.00 10.11
N LYS B 282 50.61 7.13 9.87
CA LYS B 282 50.44 8.30 10.72
C LYS B 282 49.04 8.87 10.59
N LEU B 283 48.55 8.99 9.37
CA LEU B 283 47.22 9.55 9.12
C LEU B 283 46.11 8.61 9.53
N ILE B 284 46.36 7.30 9.42
CA ILE B 284 45.35 6.33 9.82
C ILE B 284 45.25 6.34 11.34
N ALA B 285 46.41 6.37 12.00
CA ALA B 285 46.46 6.41 13.45
C ALA B 285 45.76 7.68 13.94
N LYS B 286 46.09 8.81 13.33
CA LYS B 286 45.49 10.09 13.69
C LYS B 286 43.99 10.04 13.44
N SER B 287 43.61 9.32 12.39
CA SER B 287 42.21 9.20 12.07
C SER B 287 41.54 8.40 13.17
N ASN B 288 42.11 7.24 13.47
CA ASN B 288 41.59 6.37 14.51
C ASN B 288 41.30 7.14 15.79
N LEU B 289 42.27 7.93 16.22
CA LEU B 289 42.11 8.70 17.45
C LEU B 289 40.89 9.59 17.29
N ALA B 290 40.87 10.39 16.23
CA ALA B 290 39.76 11.29 15.99
C ALA B 290 38.46 10.50 15.89
N GLY B 291 38.55 9.20 15.62
CA GLY B 291 37.37 8.35 15.50
C GLY B 291 36.70 8.32 14.13
N LYS B 292 37.22 9.14 13.21
CA LYS B 292 36.69 9.26 11.85
C LYS B 292 37.19 8.16 10.93
N PRO B 293 36.32 7.64 10.03
CA PRO B 293 36.61 6.57 9.07
C PRO B 293 37.69 6.87 8.02
N VAL B 294 38.75 6.06 8.02
CA VAL B 294 39.85 6.21 7.09
C VAL B 294 39.85 5.11 6.02
N ILE B 295 40.37 5.44 4.84
CA ILE B 295 40.42 4.51 3.74
C ILE B 295 41.78 4.46 3.05
N CYS B 296 42.30 3.27 2.85
CA CYS B 296 43.56 3.15 2.15
C CYS B 296 43.20 2.90 0.69
N ALA B 297 43.92 3.53 -0.24
CA ALA B 297 43.58 3.37 -1.66
C ALA B 297 44.69 3.50 -2.69
N THR B 298 44.52 2.81 -3.81
CA THR B 298 45.44 2.83 -4.95
C THR B 298 46.62 1.86 -4.96
N GLN B 299 46.73 1.10 -6.05
CA GLN B 299 47.82 0.15 -6.27
C GLN B 299 48.00 -0.94 -5.24
N MET B 300 46.91 -1.37 -4.59
CA MET B 300 47.06 -2.41 -3.59
C MET B 300 47.29 -3.78 -4.23
N LEU B 301 46.62 -4.02 -5.36
CA LEU B 301 46.75 -5.27 -6.12
C LEU B 301 46.82 -4.82 -7.57
N GLU B 302 47.56 -3.74 -7.78
CA GLU B 302 47.74 -3.13 -9.08
C GLU B 302 47.98 -4.18 -10.14
N SER B 303 48.99 -5.01 -9.91
CA SER B 303 49.36 -6.06 -10.85
C SER B 303 48.21 -7.01 -11.14
N MET B 304 47.30 -7.15 -10.18
CA MET B 304 46.18 -8.04 -10.35
C MET B 304 45.21 -7.50 -11.39
N THR B 305 45.70 -6.60 -12.22
CA THR B 305 44.93 -6.02 -13.30
C THR B 305 45.19 -6.86 -14.55
N TYR B 306 46.48 -7.10 -14.82
CA TYR B 306 46.90 -7.89 -15.97
C TYR B 306 47.13 -9.35 -15.61
N ASN B 307 47.15 -9.63 -14.32
CA ASN B 307 47.36 -10.99 -13.81
C ASN B 307 46.29 -11.41 -12.81
N PRO B 308 46.04 -12.74 -12.72
CA PRO B 308 45.04 -13.30 -11.81
C PRO B 308 45.58 -13.43 -10.38
N ARG B 309 46.89 -13.64 -10.26
CA ARG B 309 47.56 -13.78 -8.96
C ARG B 309 48.22 -12.46 -8.60
N PRO B 310 48.03 -11.99 -7.36
CA PRO B 310 48.62 -10.73 -6.90
C PRO B 310 50.04 -11.02 -6.44
N THR B 311 50.81 -9.98 -6.16
CA THR B 311 52.18 -10.18 -5.72
C THR B 311 52.27 -10.35 -4.22
N ARG B 312 53.50 -10.48 -3.74
CA ARG B 312 53.79 -10.62 -2.32
C ARG B 312 53.55 -9.28 -1.65
N ALA B 313 54.13 -8.24 -2.22
CA ALA B 313 54.00 -6.90 -1.67
C ALA B 313 52.54 -6.50 -1.55
N GLU B 314 51.79 -6.73 -2.61
CA GLU B 314 50.37 -6.38 -2.67
C GLU B 314 49.55 -7.08 -1.59
N VAL B 315 49.74 -8.39 -1.47
CA VAL B 315 49.01 -9.14 -0.45
C VAL B 315 49.46 -8.56 0.88
N SER B 316 50.77 -8.59 1.12
CA SER B 316 51.37 -8.06 2.34
C SER B 316 51.36 -6.54 2.40
N ASP B 317 50.26 -5.95 1.93
CA ASP B 317 50.07 -4.50 1.92
C ASP B 317 48.59 -4.29 2.19
N VAL B 318 47.78 -5.23 1.71
CA VAL B 318 46.36 -5.18 1.92
C VAL B 318 46.17 -5.45 3.40
N GLY B 319 46.83 -6.50 3.89
CA GLY B 319 46.73 -6.84 5.29
C GLY B 319 47.28 -5.78 6.21
N ASN B 320 48.44 -5.21 5.86
CA ASN B 320 49.07 -4.18 6.66
C ASN B 320 48.22 -2.93 6.82
N ALA B 321 47.65 -2.43 5.71
CA ALA B 321 46.81 -1.24 5.78
C ALA B 321 45.72 -1.45 6.82
N ILE B 322 45.30 -2.70 6.99
CA ILE B 322 44.26 -3.03 7.95
C ILE B 322 44.82 -3.03 9.37
N LEU B 323 46.06 -3.52 9.52
CA LEU B 323 46.70 -3.56 10.83
C LEU B 323 46.97 -2.13 11.28
N ASP B 324 47.26 -1.25 10.33
CA ASP B 324 47.54 0.14 10.66
C ASP B 324 46.27 0.91 11.01
N GLY B 325 45.13 0.23 10.95
CA GLY B 325 43.86 0.87 11.31
C GLY B 325 42.89 1.30 10.20
N ALA B 326 43.11 0.91 8.95
CA ALA B 326 42.22 1.31 7.88
C ALA B 326 40.83 0.73 8.07
N ASP B 327 39.80 1.53 7.81
CA ASP B 327 38.43 1.07 7.95
C ASP B 327 37.93 0.46 6.65
N CYS B 328 38.54 0.87 5.54
CA CYS B 328 38.14 0.38 4.22
C CYS B 328 39.35 0.18 3.30
N VAL B 329 39.20 -0.73 2.32
CA VAL B 329 40.25 -1.01 1.34
C VAL B 329 39.70 -0.66 -0.03
N MET B 330 40.51 -0.03 -0.86
CA MET B 330 40.04 0.37 -2.18
C MET B 330 40.63 -0.44 -3.32
N LEU B 331 40.07 -0.21 -4.49
CA LEU B 331 40.46 -0.87 -5.74
C LEU B 331 40.15 0.12 -6.87
N SER B 332 41.19 0.63 -7.51
CA SER B 332 41.01 1.59 -8.59
C SER B 332 40.91 0.90 -9.96
N GLY B 333 42.02 0.81 -10.67
CA GLY B 333 42.03 0.18 -11.98
C GLY B 333 41.95 -1.33 -11.99
N GLU B 334 41.86 -1.93 -10.81
CA GLU B 334 41.79 -3.38 -10.69
C GLU B 334 40.35 -3.79 -10.88
N THR B 335 39.48 -2.78 -10.94
CA THR B 335 38.06 -3.00 -11.12
C THR B 335 37.52 -2.15 -12.26
N ALA B 336 38.09 -0.97 -12.44
CA ALA B 336 37.62 -0.06 -13.49
C ALA B 336 38.35 -0.20 -14.82
N LYS B 337 39.37 -1.06 -14.89
CA LYS B 337 40.15 -1.22 -16.11
C LYS B 337 40.89 -2.56 -16.20
N GLY B 338 40.61 -3.48 -15.28
CA GLY B 338 41.31 -4.75 -15.26
C GLY B 338 40.62 -5.97 -15.81
N ASN B 339 41.42 -7.00 -16.09
CA ASN B 339 40.94 -8.25 -16.64
C ASN B 339 40.37 -9.19 -15.56
N TYR B 340 40.87 -9.07 -14.33
CA TYR B 340 40.42 -9.92 -13.23
C TYR B 340 39.90 -9.18 -12.02
N PRO B 341 38.77 -8.46 -12.16
CA PRO B 341 38.21 -7.71 -11.05
C PRO B 341 37.56 -8.59 -9.98
N ILE B 342 37.01 -9.73 -10.41
CA ILE B 342 36.38 -10.62 -9.46
C ILE B 342 37.42 -11.16 -8.50
N ASN B 343 38.58 -11.57 -9.03
CA ASN B 343 39.67 -12.10 -8.21
C ASN B 343 40.24 -11.03 -7.30
N ALA B 344 40.17 -9.78 -7.75
CA ALA B 344 40.67 -8.66 -7.00
C ALA B 344 39.98 -8.57 -5.65
N VAL B 345 38.69 -8.35 -5.70
CA VAL B 345 37.92 -8.26 -4.48
C VAL B 345 38.11 -9.56 -3.72
N THR B 346 38.18 -10.68 -4.45
CA THR B 346 38.35 -11.99 -3.85
C THR B 346 39.67 -12.21 -3.15
N THR B 347 40.71 -11.47 -3.52
CA THR B 347 42.00 -11.65 -2.86
C THR B 347 42.09 -10.67 -1.71
N MET B 348 41.63 -9.45 -1.95
CA MET B 348 41.61 -8.42 -0.94
C MET B 348 40.91 -9.08 0.26
N ALA B 349 39.65 -9.42 0.04
CA ALA B 349 38.79 -10.05 1.03
C ALA B 349 39.50 -11.13 1.83
N GLU B 350 39.92 -12.18 1.14
CA GLU B 350 40.61 -13.28 1.79
C GLU B 350 41.73 -12.78 2.69
N THR B 351 42.46 -11.74 2.25
CA THR B 351 43.56 -11.23 3.05
C THR B 351 43.09 -10.46 4.27
N ALA B 352 41.97 -9.75 4.15
CA ALA B 352 41.45 -8.97 5.26
C ALA B 352 41.11 -9.84 6.48
N VAL B 353 40.61 -11.04 6.23
CA VAL B 353 40.25 -11.93 7.33
C VAL B 353 41.48 -12.43 8.08
N ILE B 354 42.57 -12.67 7.37
CA ILE B 354 43.78 -13.14 8.02
C ILE B 354 44.40 -11.93 8.71
N ALA B 355 44.17 -10.76 8.15
CA ALA B 355 44.73 -9.53 8.68
C ALA B 355 44.00 -9.03 9.91
N GLU B 356 42.86 -9.64 10.23
CA GLU B 356 42.12 -9.21 11.40
C GLU B 356 42.27 -10.23 12.53
N GLN B 357 42.81 -11.38 12.19
CA GLN B 357 43.02 -12.43 13.15
C GLN B 357 44.41 -12.29 13.73
N ALA B 358 45.03 -11.15 13.47
CA ALA B 358 46.39 -10.91 13.96
C ALA B 358 46.41 -9.71 14.88
N ILE B 359 45.34 -8.91 14.81
CA ILE B 359 45.25 -7.72 15.64
C ILE B 359 45.29 -8.06 17.13
N ALA B 360 45.70 -7.08 17.93
CA ALA B 360 45.77 -7.21 19.39
C ALA B 360 44.60 -6.40 19.95
N TYR B 361 43.41 -6.96 19.84
CA TYR B 361 42.17 -6.33 20.27
C TYR B 361 42.11 -5.77 21.70
N LEU B 362 42.52 -6.55 22.69
CA LEU B 362 42.52 -6.09 24.08
C LEU B 362 43.46 -4.86 24.22
N PRO B 363 44.78 -5.06 24.06
CA PRO B 363 45.71 -3.93 24.18
C PRO B 363 45.42 -2.74 23.26
N ASN B 364 45.02 -2.99 22.03
CA ASN B 364 44.75 -1.88 21.11
C ASN B 364 43.59 -1.06 21.68
N TYR B 365 42.64 -1.77 22.29
CA TYR B 365 41.47 -1.15 22.88
C TYR B 365 41.83 -0.22 24.02
N ASP B 366 42.68 -0.73 24.91
CA ASP B 366 43.13 0.03 26.07
C ASP B 366 43.79 1.31 25.60
N ASP B 367 44.82 1.16 24.77
CA ASP B 367 45.57 2.30 24.23
C ASP B 367 44.65 3.42 23.71
N MET B 368 43.60 3.01 23.01
CA MET B 368 42.66 3.95 22.46
C MET B 368 41.89 4.71 23.55
N ARG B 369 41.59 4.07 24.67
CA ARG B 369 40.84 4.75 25.73
C ARG B 369 41.72 5.67 26.58
N ASN B 370 43.02 5.41 26.55
CA ASN B 370 43.96 6.22 27.32
C ASN B 370 44.36 7.47 26.58
N CYS B 371 43.54 7.88 25.63
CA CYS B 371 43.84 9.09 24.88
C CYS B 371 42.61 10.01 24.92
N THR B 372 42.71 11.02 25.79
CA THR B 372 41.68 12.03 26.03
C THR B 372 40.42 11.57 26.78
N PRO B 373 40.56 10.63 27.72
CA PRO B 373 39.31 10.25 28.40
C PRO B 373 39.09 11.33 29.45
N LYS B 374 38.15 12.25 29.18
CA LYS B 374 37.86 13.33 30.12
C LYS B 374 36.55 14.05 29.82
N PRO B 375 35.50 14.62 29.04
CA PRO B 375 35.36 13.61 27.99
C PRO B 375 34.03 13.70 27.24
N THR B 376 34.83 12.76 27.37
CA THR B 376 34.29 11.74 26.49
C THR B 376 32.78 11.92 26.36
N SER B 377 32.28 12.02 25.13
CA SER B 377 30.84 12.20 24.94
C SER B 377 30.13 10.94 25.41
N THR B 378 28.97 11.13 26.03
CA THR B 378 28.16 10.04 26.55
C THR B 378 27.99 8.86 25.61
N THR B 379 27.83 9.14 24.31
CA THR B 379 27.68 8.08 23.31
C THR B 379 29.01 7.34 23.15
N GLU B 380 30.12 8.05 23.37
CA GLU B 380 31.44 7.44 23.25
C GLU B 380 31.78 6.68 24.51
N THR B 381 31.28 7.16 25.65
CA THR B 381 31.56 6.45 26.89
C THR B 381 30.80 5.12 26.82
N VAL B 382 29.56 5.17 26.34
CA VAL B 382 28.78 3.96 26.24
C VAL B 382 29.37 3.08 25.16
N ALA B 383 29.99 3.73 24.16
CA ALA B 383 30.61 3.02 23.05
C ALA B 383 31.75 2.19 23.60
N ALA B 384 32.73 2.88 24.16
CA ALA B 384 33.88 2.22 24.74
C ALA B 384 33.41 1.16 25.71
N SER B 385 32.52 1.56 26.62
CA SER B 385 32.01 0.67 27.65
C SER B 385 31.44 -0.64 27.12
N ALA B 386 30.58 -0.56 26.11
CA ALA B 386 29.99 -1.77 25.56
C ALA B 386 31.10 -2.69 25.03
N VAL B 387 32.06 -2.11 24.31
CA VAL B 387 33.17 -2.87 23.75
C VAL B 387 33.86 -3.68 24.85
N ALA B 388 34.14 -3.02 25.97
CA ALA B 388 34.78 -3.68 27.10
C ALA B 388 33.95 -4.88 27.53
N ALA B 389 32.64 -4.68 27.57
CA ALA B 389 31.71 -5.74 27.97
C ALA B 389 32.00 -7.06 27.25
N VAL B 390 32.04 -7.00 25.93
CA VAL B 390 32.28 -8.18 25.11
C VAL B 390 33.65 -8.79 25.37
N PHE B 391 34.62 -7.95 25.65
CA PHE B 391 35.99 -8.42 25.94
C PHE B 391 35.98 -9.27 27.19
N GLU B 392 35.08 -8.93 28.11
CA GLU B 392 34.95 -9.66 29.37
C GLU B 392 34.20 -10.97 29.12
N GLN B 393 32.90 -10.85 28.85
CA GLN B 393 32.02 -11.99 28.62
C GLN B 393 32.25 -12.77 27.32
N LYS B 394 33.23 -12.33 26.54
CA LYS B 394 33.55 -12.97 25.26
C LYS B 394 32.32 -12.90 24.37
N ALA B 395 31.68 -11.76 24.34
CA ALA B 395 30.48 -11.58 23.52
C ALA B 395 30.80 -11.85 22.05
N LYS B 396 29.78 -12.31 21.31
CA LYS B 396 29.90 -12.62 19.89
C LYS B 396 29.55 -11.43 19.02
N ALA B 397 28.57 -10.65 19.46
CA ALA B 397 28.13 -9.49 18.70
C ALA B 397 28.10 -8.21 19.52
N ILE B 398 27.26 -7.26 19.09
CA ILE B 398 27.12 -5.98 19.75
C ILE B 398 26.12 -5.11 18.99
N ILE B 399 24.88 -5.59 18.93
CA ILE B 399 23.78 -4.90 18.24
C ILE B 399 23.52 -3.50 18.80
N VAL B 400 23.51 -2.51 17.91
CA VAL B 400 23.27 -1.13 18.31
C VAL B 400 22.36 -0.50 17.30
N LEU B 401 21.32 0.15 17.80
CA LEU B 401 20.33 0.79 16.96
C LEU B 401 20.77 2.22 16.75
N SER B 402 20.64 2.72 15.52
CA SER B 402 21.07 4.09 15.23
C SER B 402 20.39 4.64 13.98
N THR B 403 20.71 5.89 13.66
CA THR B 403 20.17 6.57 12.49
C THR B 403 21.23 7.53 11.95
N SER B 404 22.07 8.01 12.86
CA SER B 404 23.15 8.93 12.52
C SER B 404 24.41 8.16 12.21
N GLY B 405 24.42 6.89 12.57
CA GLY B 405 25.60 6.10 12.33
C GLY B 405 26.67 6.60 13.27
N THR B 406 26.23 7.28 14.33
CA THR B 406 27.12 7.82 15.32
C THR B 406 27.51 6.74 16.30
N THR B 407 26.50 6.15 16.93
CA THR B 407 26.73 5.11 17.92
C THR B 407 27.56 3.93 17.42
N PRO B 408 27.29 3.46 16.18
CA PRO B 408 28.05 2.33 15.65
C PRO B 408 29.44 2.72 15.17
N ARG B 409 29.62 3.99 14.82
CA ARG B 409 30.92 4.46 14.35
C ARG B 409 31.85 4.51 15.54
N LEU B 410 31.36 5.04 16.66
CA LEU B 410 32.15 5.17 17.89
C LEU B 410 32.62 3.82 18.42
N VAL B 411 31.71 2.84 18.47
CA VAL B 411 32.05 1.50 18.92
C VAL B 411 33.17 1.02 18.01
N SER B 412 33.01 1.32 16.73
CA SER B 412 33.96 0.97 15.68
C SER B 412 35.30 1.49 16.11
N LYS B 413 35.32 2.76 16.49
CA LYS B 413 36.54 3.40 16.94
C LYS B 413 37.23 2.51 17.96
N TYR B 414 36.44 1.89 18.82
CA TYR B 414 36.97 1.02 19.86
C TYR B 414 37.16 -0.42 19.41
N ARG B 415 37.21 -0.58 18.09
CA ARG B 415 37.43 -1.85 17.41
C ARG B 415 37.14 -3.14 18.18
N PRO B 416 35.86 -3.52 18.30
CA PRO B 416 35.59 -4.76 19.02
C PRO B 416 36.06 -5.96 18.20
N ASN B 417 36.23 -7.12 18.83
CA ASN B 417 36.65 -8.30 18.10
C ASN B 417 35.44 -9.22 17.89
N CYS B 418 34.33 -8.59 17.48
CA CYS B 418 33.07 -9.27 17.22
C CYS B 418 32.20 -8.34 16.36
N PRO B 419 31.33 -8.92 15.54
CA PRO B 419 30.45 -8.15 14.67
C PRO B 419 29.63 -7.06 15.34
N ILE B 420 29.57 -5.89 14.71
CA ILE B 420 28.79 -4.77 15.23
C ILE B 420 27.48 -4.60 14.45
N ILE B 421 26.45 -5.32 14.86
CA ILE B 421 25.16 -5.28 14.20
C ILE B 421 24.36 -4.00 14.46
N LEU B 422 24.28 -3.16 13.44
CA LEU B 422 23.56 -1.92 13.53
C LEU B 422 22.18 -2.11 12.93
N VAL B 423 21.13 -1.98 13.75
CA VAL B 423 19.75 -2.10 13.29
C VAL B 423 19.30 -0.67 13.07
N THR B 424 18.74 -0.40 11.90
CA THR B 424 18.30 0.94 11.55
C THR B 424 17.04 0.95 10.69
N ARG B 425 16.37 2.10 10.67
CA ARG B 425 15.17 2.31 9.87
C ARG B 425 15.55 3.21 8.71
N CYS B 426 16.57 4.03 8.91
CA CYS B 426 17.06 4.95 7.88
C CYS B 426 17.82 4.13 6.86
N PRO B 427 17.40 4.16 5.59
CA PRO B 427 18.13 3.36 4.62
C PRO B 427 19.51 3.92 4.33
N ARG B 428 19.60 5.25 4.34
CA ARG B 428 20.84 5.97 4.05
C ARG B 428 22.01 5.63 4.99
N ALA B 429 21.74 5.59 6.29
CA ALA B 429 22.78 5.29 7.26
C ALA B 429 23.28 3.86 7.09
N ALA B 430 22.37 2.97 6.72
CA ALA B 430 22.71 1.57 6.55
C ALA B 430 23.63 1.35 5.34
N ARG B 431 23.65 2.32 4.44
CA ARG B 431 24.48 2.20 3.27
C ARG B 431 25.86 2.82 3.52
N PHE B 432 25.88 4.01 4.11
CA PHE B 432 27.16 4.65 4.37
C PHE B 432 27.87 4.16 5.64
N SER B 433 27.26 3.19 6.32
CA SER B 433 27.86 2.67 7.54
C SER B 433 28.94 1.65 7.26
N HIS B 434 29.11 1.31 5.99
CA HIS B 434 30.13 0.36 5.61
C HIS B 434 31.43 1.17 5.63
N LEU B 435 31.33 2.43 6.02
CA LEU B 435 32.50 3.28 6.10
C LEU B 435 33.26 2.95 7.38
N TYR B 436 32.52 2.65 8.45
CA TYR B 436 33.11 2.32 9.75
C TYR B 436 33.40 0.83 9.84
N ARG B 437 34.67 0.48 10.06
CA ARG B 437 35.07 -0.93 10.13
C ARG B 437 34.36 -1.81 11.15
N GLY B 438 33.90 -2.96 10.67
CA GLY B 438 33.23 -3.90 11.54
C GLY B 438 31.72 -3.77 11.63
N VAL B 439 31.15 -2.70 11.08
CA VAL B 439 29.71 -2.52 11.15
C VAL B 439 28.92 -3.26 10.07
N PHE B 440 27.97 -4.09 10.51
CA PHE B 440 27.11 -4.88 9.62
C PHE B 440 25.71 -4.32 9.70
N PRO B 441 25.40 -3.30 8.89
CA PRO B 441 24.07 -2.70 8.91
C PRO B 441 22.97 -3.57 8.31
N PHE B 442 21.74 -3.28 8.74
CA PHE B 442 20.55 -3.97 8.29
C PHE B 442 19.41 -2.97 8.42
N VAL B 443 18.50 -2.98 7.47
CA VAL B 443 17.38 -2.03 7.51
C VAL B 443 16.10 -2.65 8.03
N PHE B 444 15.52 -1.99 9.02
CA PHE B 444 14.29 -2.43 9.68
C PHE B 444 13.23 -1.33 9.60
N GLU B 445 11.98 -1.71 9.28
CA GLU B 445 10.88 -0.75 9.15
C GLU B 445 9.68 -0.96 10.09
N LYS B 446 8.60 -0.22 9.80
CA LYS B 446 7.33 -0.25 10.55
C LYS B 446 7.22 0.95 11.50
N GLU B 447 7.37 0.69 12.80
CA GLU B 447 7.32 1.68 13.89
C GLU B 447 6.00 1.69 14.64
N THR B 453 9.85 3.63 24.08
CA THR B 453 10.95 2.78 23.51
C THR B 453 10.62 1.32 23.80
N ASP B 454 9.35 1.01 23.99
CA ASP B 454 8.96 -0.37 24.30
C ASP B 454 8.87 -1.28 23.08
N ASP B 455 9.47 -0.83 21.97
CA ASP B 455 9.48 -1.60 20.71
C ASP B 455 10.87 -2.00 20.22
N VAL B 456 11.90 -1.37 20.75
CA VAL B 456 13.27 -1.68 20.34
C VAL B 456 13.65 -3.16 20.51
N GLU B 457 12.90 -3.90 21.32
CA GLU B 457 13.19 -5.32 21.53
C GLU B 457 13.03 -6.04 20.20
N ALA B 458 12.12 -5.53 19.38
CA ALA B 458 11.86 -6.10 18.08
C ALA B 458 13.07 -5.89 17.18
N ARG B 459 13.50 -4.62 17.10
CA ARG B 459 14.66 -4.25 16.29
C ARG B 459 15.87 -5.06 16.72
N ILE B 460 15.97 -5.31 18.01
CA ILE B 460 17.06 -6.08 18.60
C ILE B 460 16.91 -7.54 18.19
N ASN B 461 15.67 -7.93 17.94
CA ASN B 461 15.41 -9.29 17.51
C ASN B 461 15.65 -9.37 16.01
N PHE B 462 15.66 -8.22 15.36
CA PHE B 462 15.92 -8.16 13.93
C PHE B 462 17.41 -8.49 13.80
N GLY B 463 18.23 -7.68 14.47
CA GLY B 463 19.66 -7.87 14.44
C GLY B 463 20.12 -9.22 14.94
N ILE B 464 19.45 -9.75 15.96
CA ILE B 464 19.85 -11.04 16.50
C ILE B 464 19.60 -12.13 15.48
N GLU B 465 18.39 -12.19 14.97
CA GLU B 465 18.03 -13.18 13.97
C GLU B 465 18.85 -12.96 12.71
N LYS B 466 19.04 -11.68 12.36
CA LYS B 466 19.83 -11.28 11.19
C LYS B 466 21.28 -11.66 11.45
N ALA B 467 21.64 -11.72 12.73
CA ALA B 467 22.99 -12.10 13.10
C ALA B 467 23.09 -13.60 12.90
N LYS B 468 22.04 -14.30 13.31
CA LYS B 468 21.97 -15.75 13.21
C LYS B 468 22.11 -16.26 11.78
N GLU B 469 21.53 -15.54 10.82
CA GLU B 469 21.61 -15.97 9.44
C GLU B 469 23.07 -15.91 8.99
N PHE B 470 23.85 -15.04 9.61
CA PHE B 470 25.27 -14.91 9.30
C PHE B 470 26.09 -15.82 10.19
N GLY B 471 25.38 -16.62 11.00
CA GLY B 471 26.03 -17.54 11.90
C GLY B 471 26.88 -16.87 12.96
N ILE B 472 26.57 -15.62 13.28
CA ILE B 472 27.35 -14.87 14.28
C ILE B 472 26.93 -15.22 15.71
N LEU B 473 25.67 -15.58 15.90
CA LEU B 473 25.14 -15.95 17.20
C LEU B 473 24.63 -17.39 17.18
N LYS B 474 24.87 -18.11 18.28
CA LYS B 474 24.45 -19.50 18.35
C LYS B 474 23.37 -19.74 19.39
N LYS B 475 22.80 -18.66 19.93
CA LYS B 475 21.74 -18.79 20.93
C LYS B 475 22.31 -19.25 22.26
N GLY B 476 22.10 -18.46 23.29
CA GLY B 476 22.66 -18.79 24.60
C GLY B 476 24.10 -18.42 24.38
N ASP B 477 24.31 -17.32 23.66
CA ASP B 477 25.64 -16.87 23.36
C ASP B 477 25.96 -15.75 24.32
N THR B 478 25.78 -14.51 23.88
CA THR B 478 26.04 -13.36 24.73
C THR B 478 26.32 -12.15 23.86
N TYR B 479 25.40 -11.18 23.91
CA TYR B 479 25.52 -9.99 23.11
C TYR B 479 25.31 -8.76 23.98
N VAL B 480 25.70 -7.61 23.46
CA VAL B 480 25.56 -6.34 24.13
C VAL B 480 24.78 -5.40 23.23
N SER B 481 23.75 -4.76 23.76
CA SER B 481 22.95 -3.82 22.98
C SER B 481 23.28 -2.39 23.36
N ILE B 482 22.75 -1.44 22.60
CA ILE B 482 22.99 -0.03 22.88
C ILE B 482 21.81 0.75 22.35
N GLN B 483 21.35 1.71 23.14
CA GLN B 483 20.21 2.54 22.78
C GLN B 483 19.92 3.47 23.95
N GLY B 484 18.88 4.29 23.81
CA GLY B 484 18.51 5.21 24.85
C GLY B 484 17.47 4.63 25.78
N ASN B 493 21.20 7.31 27.60
CA ASN B 493 21.76 6.20 26.78
C ASN B 493 22.20 5.00 27.61
N THR B 494 21.39 3.97 27.55
CA THR B 494 21.64 2.74 28.25
C THR B 494 22.82 1.98 27.70
N LEU B 495 22.75 0.65 27.87
CA LEU B 495 23.75 -0.30 27.44
C LEU B 495 23.22 -1.63 27.98
N GLN B 496 22.95 -2.57 27.10
CA GLN B 496 22.41 -3.86 27.52
C GLN B 496 23.51 -4.92 27.53
N VAL B 497 23.14 -6.16 27.83
CA VAL B 497 24.12 -7.24 27.87
C VAL B 497 23.46 -8.61 28.03
N SER B 498 22.21 -8.71 27.58
CA SER B 498 21.44 -9.95 27.67
C SER B 498 22.04 -11.11 26.85
N THR B 499 21.40 -12.27 26.95
CA THR B 499 21.82 -13.49 26.24
C THR B 499 20.91 -13.80 25.06
N VAL B 500 21.29 -14.80 24.27
CA VAL B 500 20.51 -15.19 23.10
C VAL B 500 19.49 -16.28 23.43
#